data_8K07
#
_entry.id   8K07
#
_cell.length_a   57.299
_cell.length_b   68.518
_cell.length_c   73.095
_cell.angle_alpha   117.88
_cell.angle_beta   94.31
_cell.angle_gamma   109.38
#
_symmetry.space_group_name_H-M   'P 1'
#
loop_
_entity.id
_entity.type
_entity.pdbx_description
1 polymer "Pseudouridine-5'-phosphate glycosidase"
2 non-polymer 'MANGANESE (II) ION'
3 non-polymer 'CITRIC ACID'
4 water water
#
_entity_poly.entity_id   1
_entity_poly.type   'polypeptide(L)'
_entity_poly.pdbx_seq_one_letter_code
;MASSLAQSRISNLQNHLSPLEANNKLRSLVKISPQVSEALSNGRAVVALESTIISHGMPYPQNLQTAKEVESIVRENGAI
PATIAILNGVPCIGLSEEELERLASLGKSVQKTAGRDIANVVATRGNGATTVSATLFFASMVGIQVFVTGGIGGVHRHAN
HSMDISSDLTALGRTPIAVISAGVASILDIPKTLEYLETQEVYVAAYKSDEFPAFFTEKSGCKAPSRVNSPEDCARVIDA
NMKLNRQAGILFAIPIPKHHSAAGNLIESATQRALTEAREQNVTGNAETPFLLARVNELTGGTSLAANIALVKNNALIGS
QIAVALSQLMLEHHHHHHHH
;
_entity_poly.pdbx_strand_id   A,B,C
#
# COMPACT_ATOMS: atom_id res chain seq x y z
N SER A 28 -22.50 1.17 -22.05
CA SER A 28 -22.25 1.37 -20.63
C SER A 28 -21.02 0.59 -20.16
N LEU A 29 -20.52 0.94 -18.99
CA LEU A 29 -19.44 0.17 -18.37
C LEU A 29 -19.99 -0.99 -17.55
N VAL A 30 -21.19 -0.82 -17.02
CA VAL A 30 -21.79 -1.77 -16.09
C VAL A 30 -23.31 -1.85 -16.30
N LYS A 31 -23.89 -3.01 -16.05
CA LYS A 31 -25.34 -3.16 -16.09
C LYS A 31 -25.86 -3.08 -14.66
N ILE A 32 -26.69 -2.08 -14.39
CA ILE A 32 -27.31 -1.91 -13.08
C ILE A 32 -28.75 -2.39 -13.15
N SER A 33 -29.16 -3.25 -12.22
CA SER A 33 -30.51 -3.79 -12.26
C SER A 33 -31.54 -2.68 -12.05
N PRO A 34 -32.76 -2.88 -12.57
CA PRO A 34 -33.80 -1.86 -12.36
C PRO A 34 -34.00 -1.49 -10.87
N GLN A 35 -34.05 -2.49 -9.99
CA GLN A 35 -34.28 -2.25 -8.57
C GLN A 35 -33.16 -1.41 -7.95
N VAL A 36 -31.91 -1.73 -8.32
CA VAL A 36 -30.77 -1.00 -7.77
C VAL A 36 -30.67 0.40 -8.37
N SER A 37 -30.92 0.52 -9.67
CA SER A 37 -30.85 1.84 -10.29
C SER A 37 -31.89 2.79 -9.70
N GLU A 38 -33.11 2.29 -9.50
CA GLU A 38 -34.18 3.07 -8.88
C GLU A 38 -33.75 3.51 -7.48
N ALA A 39 -33.22 2.59 -6.71
CA ALA A 39 -32.80 2.89 -5.34
C ALA A 39 -31.72 3.96 -5.33
N LEU A 40 -30.72 3.82 -6.19
CA LEU A 40 -29.63 4.78 -6.22
C LEU A 40 -30.16 6.17 -6.60
N SER A 41 -31.06 6.24 -7.58
CA SER A 41 -31.59 7.52 -8.03
C SER A 41 -32.49 8.21 -7.00
N ASN A 42 -33.15 7.43 -6.14
CA ASN A 42 -34.09 7.96 -5.17
C ASN A 42 -33.50 8.06 -3.77
N GLY A 43 -32.22 7.73 -3.65
CA GLY A 43 -31.54 7.78 -2.37
C GLY A 43 -31.92 6.72 -1.36
N ARG A 44 -32.50 5.61 -1.82
CA ARG A 44 -32.85 4.53 -0.90
C ARG A 44 -31.56 3.76 -0.57
N ALA A 45 -31.51 3.20 0.62
CA ALA A 45 -30.32 2.47 1.09
C ALA A 45 -30.07 1.25 0.20
N VAL A 46 -28.82 1.09 -0.21
CA VAL A 46 -28.39 -0.06 -0.99
C VAL A 46 -27.26 -0.77 -0.25
N VAL A 47 -27.30 -2.10 -0.25
CA VAL A 47 -26.27 -2.95 0.34
C VAL A 47 -25.65 -3.80 -0.75
N ALA A 48 -24.35 -3.65 -0.99
CA ALA A 48 -23.66 -4.49 -1.93
C ALA A 48 -23.46 -5.88 -1.36
N LEU A 49 -23.49 -6.87 -2.23
CA LEU A 49 -23.24 -8.25 -1.88
C LEU A 49 -22.28 -8.83 -2.90
N GLU A 50 -21.44 -9.74 -2.47
CA GLU A 50 -20.50 -10.40 -3.37
C GLU A 50 -21.05 -11.73 -3.88
N SER A 51 -20.40 -12.25 -4.93
CA SER A 51 -20.91 -13.48 -5.53
C SER A 51 -19.99 -14.69 -5.39
N THR A 52 -18.77 -14.53 -4.87
CA THR A 52 -17.95 -15.71 -4.68
C THR A 52 -18.54 -16.63 -3.59
N ILE A 53 -19.26 -16.06 -2.62
CA ILE A 53 -19.94 -16.88 -1.63
C ILE A 53 -20.97 -17.80 -2.29
N ILE A 54 -21.56 -17.34 -3.39
CA ILE A 54 -22.53 -18.14 -4.12
C ILE A 54 -21.85 -19.20 -4.96
N SER A 55 -20.92 -18.78 -5.81
CA SER A 55 -20.32 -19.71 -6.77
C SER A 55 -19.33 -20.67 -6.13
N HIS A 56 -18.60 -20.21 -5.12
CA HIS A 56 -17.52 -21.01 -4.54
C HIS A 56 -17.64 -21.29 -3.05
N GLY A 57 -18.30 -20.41 -2.32
CA GLY A 57 -18.32 -20.51 -0.88
C GLY A 57 -19.33 -21.52 -0.38
N MET A 58 -20.31 -21.85 -1.22
CA MET A 58 -21.40 -22.71 -0.81
C MET A 58 -21.80 -23.55 -2.00
N PRO A 59 -22.27 -24.78 -1.73
CA PRO A 59 -22.65 -25.69 -2.81
C PRO A 59 -24.07 -25.44 -3.31
N TYR A 60 -24.33 -25.84 -4.54
CA TYR A 60 -25.66 -25.79 -5.14
C TYR A 60 -26.44 -26.98 -4.61
N PRO A 61 -27.69 -26.76 -4.15
CA PRO A 61 -28.47 -25.51 -4.18
C PRO A 61 -28.51 -24.66 -2.88
N GLN A 62 -27.74 -25.02 -1.86
CA GLN A 62 -27.67 -24.18 -0.65
C GLN A 62 -27.18 -22.76 -0.97
N ASN A 63 -26.33 -22.65 -1.98
CA ASN A 63 -25.82 -21.35 -2.35
C ASN A 63 -26.92 -20.40 -2.83
N LEU A 64 -27.82 -20.90 -3.66
CA LEU A 64 -28.92 -20.12 -4.19
C LEU A 64 -29.94 -19.79 -3.09
N GLN A 65 -30.29 -20.80 -2.30
CA GLN A 65 -31.22 -20.63 -1.20
C GLN A 65 -30.75 -19.53 -0.25
N THR A 66 -29.48 -19.58 0.11
CA THR A 66 -28.90 -18.60 1.02
C THR A 66 -28.84 -17.21 0.37
N ALA A 67 -28.46 -17.15 -0.90
CA ALA A 67 -28.38 -15.87 -1.58
C ALA A 67 -29.74 -15.18 -1.60
N LYS A 68 -30.79 -15.94 -1.86
CA LYS A 68 -32.15 -15.39 -1.86
C LYS A 68 -32.57 -14.95 -0.46
N GLU A 69 -32.24 -15.76 0.53
CA GLU A 69 -32.58 -15.41 1.91
C GLU A 69 -31.84 -14.15 2.38
N VAL A 70 -30.57 -14.02 1.98
CA VAL A 70 -29.81 -12.83 2.30
C VAL A 70 -30.41 -11.59 1.63
N GLU A 71 -30.76 -11.71 0.35
CA GLU A 71 -31.36 -10.59 -0.32
C GLU A 71 -32.70 -10.21 0.33
N SER A 72 -33.46 -11.22 0.74
CA SER A 72 -34.73 -10.95 1.43
C SER A 72 -34.53 -10.22 2.75
N ILE A 73 -33.52 -10.64 3.52
CA ILE A 73 -33.21 -9.96 4.79
C ILE A 73 -32.84 -8.50 4.54
N VAL A 74 -32.05 -8.24 3.51
CA VAL A 74 -31.71 -6.87 3.18
C VAL A 74 -32.99 -6.05 2.92
N ARG A 75 -33.87 -6.59 2.10
CA ARG A 75 -35.13 -5.92 1.75
C ARG A 75 -36.04 -5.72 2.96
N GLU A 76 -36.08 -6.72 3.83
CA GLU A 76 -36.95 -6.70 4.99
C GLU A 76 -36.55 -5.60 5.96
N ASN A 77 -35.29 -5.15 5.91
CA ASN A 77 -34.83 -4.12 6.82
C ASN A 77 -34.69 -2.77 6.15
N GLY A 78 -35.28 -2.64 4.97
CA GLY A 78 -35.44 -1.35 4.33
C GLY A 78 -34.40 -0.95 3.31
N ALA A 79 -33.54 -1.89 2.90
CA ALA A 79 -32.52 -1.60 1.91
C ALA A 79 -32.73 -2.44 0.65
N ILE A 80 -32.00 -2.09 -0.41
CA ILE A 80 -32.07 -2.84 -1.66
C ILE A 80 -30.75 -3.57 -1.87
N PRO A 81 -30.81 -4.89 -2.05
CA PRO A 81 -29.56 -5.65 -2.24
C PRO A 81 -29.02 -5.53 -3.65
N ALA A 82 -27.72 -5.31 -3.73
CA ALA A 82 -27.01 -5.22 -5.00
C ALA A 82 -25.96 -6.30 -5.03
N THR A 83 -26.37 -7.52 -5.39
CA THR A 83 -25.39 -8.58 -5.59
C THR A 83 -24.61 -8.24 -6.87
N ILE A 84 -23.30 -8.37 -6.80
CA ILE A 84 -22.40 -7.99 -7.87
C ILE A 84 -21.73 -9.23 -8.42
N ALA A 85 -21.61 -9.29 -9.75
CA ALA A 85 -20.95 -10.38 -10.45
C ALA A 85 -20.56 -9.88 -11.84
N ILE A 86 -19.82 -10.69 -12.58
CA ILE A 86 -19.58 -10.41 -14.00
C ILE A 86 -20.20 -11.54 -14.79
N LEU A 87 -21.05 -11.19 -15.74
CA LEU A 87 -21.75 -12.21 -16.53
C LEU A 87 -21.57 -11.91 -18.00
N ASN A 88 -21.04 -12.87 -18.74
CA ASN A 88 -20.75 -12.69 -20.16
C ASN A 88 -19.91 -11.44 -20.40
N GLY A 89 -18.96 -11.18 -19.50
CA GLY A 89 -18.09 -10.03 -19.63
C GLY A 89 -18.65 -8.70 -19.16
N VAL A 90 -19.91 -8.72 -18.72
CA VAL A 90 -20.57 -7.50 -18.27
C VAL A 90 -20.63 -7.42 -16.75
N PRO A 91 -19.99 -6.40 -16.15
CA PRO A 91 -20.17 -6.23 -14.71
C PRO A 91 -21.63 -5.92 -14.39
N CYS A 92 -22.22 -6.69 -13.48
CA CYS A 92 -23.61 -6.53 -13.11
C CYS A 92 -23.69 -6.07 -11.67
N ILE A 93 -24.39 -4.96 -11.45
CA ILE A 93 -24.60 -4.46 -10.10
C ILE A 93 -26.09 -4.57 -9.81
N GLY A 94 -26.43 -5.57 -9.01
CA GLY A 94 -27.82 -5.96 -8.86
C GLY A 94 -28.10 -7.12 -9.79
N LEU A 95 -28.59 -8.23 -9.23
CA LEU A 95 -28.90 -9.40 -10.03
C LEU A 95 -30.38 -9.73 -9.95
N SER A 96 -30.89 -10.27 -11.04
CA SER A 96 -32.23 -10.82 -11.11
C SER A 96 -32.27 -12.26 -10.62
N GLU A 97 -33.48 -12.78 -10.45
CA GLU A 97 -33.66 -14.19 -10.12
C GLU A 97 -32.95 -15.10 -11.12
N GLU A 98 -33.09 -14.80 -12.41
CA GLU A 98 -32.45 -15.59 -13.45
C GLU A 98 -30.94 -15.60 -13.31
N GLU A 99 -30.36 -14.44 -13.01
CA GLU A 99 -28.92 -14.34 -12.87
C GLU A 99 -28.40 -15.05 -11.62
N LEU A 100 -29.14 -14.95 -10.52
CA LEU A 100 -28.76 -15.70 -9.32
C LEU A 100 -28.78 -17.21 -9.60
N GLU A 101 -29.80 -17.68 -10.31
CA GLU A 101 -29.88 -19.09 -10.67
C GLU A 101 -28.66 -19.48 -11.53
N ARG A 102 -28.26 -18.59 -12.42
CA ARG A 102 -27.11 -18.82 -13.29
C ARG A 102 -25.80 -18.98 -12.52
N LEU A 103 -25.51 -18.03 -11.63
CA LEU A 103 -24.29 -18.12 -10.83
C LEU A 103 -24.31 -19.34 -9.94
N ALA A 104 -25.47 -19.61 -9.34
CA ALA A 104 -25.51 -20.71 -8.40
C ALA A 104 -25.37 -22.07 -9.10
N SER A 105 -26.04 -22.25 -10.24
CA SER A 105 -26.02 -23.54 -10.92
C SER A 105 -24.69 -23.82 -11.59
N LEU A 106 -24.03 -22.78 -12.11
CA LEU A 106 -22.72 -22.98 -12.73
C LEU A 106 -21.66 -23.24 -11.65
N GLY A 107 -21.95 -22.80 -10.44
CA GLY A 107 -21.14 -23.15 -9.29
C GLY A 107 -19.66 -22.85 -9.43
N LYS A 108 -18.84 -23.82 -9.03
CA LYS A 108 -17.42 -23.61 -8.95
C LYS A 108 -16.72 -23.55 -10.32
N SER A 109 -17.47 -23.72 -11.40
CA SER A 109 -16.92 -23.57 -12.74
C SER A 109 -16.80 -22.10 -13.16
N VAL A 110 -17.48 -21.21 -12.43
CA VAL A 110 -17.31 -19.78 -12.63
C VAL A 110 -15.98 -19.32 -12.05
N GLN A 111 -15.30 -18.44 -12.78
CA GLN A 111 -14.02 -17.88 -12.33
C GLN A 111 -14.17 -17.13 -11.01
N LYS A 112 -13.42 -17.53 -9.99
CA LYS A 112 -13.29 -16.72 -8.78
C LYS A 112 -12.51 -15.47 -9.18
N THR A 113 -13.15 -14.31 -9.07
CA THR A 113 -12.65 -13.08 -9.66
C THR A 113 -12.27 -12.07 -8.58
N ALA A 114 -10.97 -11.91 -8.36
CA ALA A 114 -10.48 -10.85 -7.48
C ALA A 114 -10.45 -9.55 -8.29
N GLY A 115 -10.19 -8.43 -7.62
CA GLY A 115 -10.13 -7.16 -8.31
C GLY A 115 -9.18 -7.20 -9.49
N ARG A 116 -8.04 -7.88 -9.33
CA ARG A 116 -7.05 -7.90 -10.40
C ARG A 116 -7.49 -8.72 -11.60
N ASP A 117 -8.55 -9.52 -11.45
CA ASP A 117 -9.05 -10.37 -12.52
C ASP A 117 -10.18 -9.72 -13.32
N ILE A 118 -10.71 -8.60 -12.85
CA ILE A 118 -11.86 -7.98 -13.49
C ILE A 118 -11.62 -7.69 -14.97
N ALA A 119 -10.52 -7.02 -15.27
CA ALA A 119 -10.24 -6.63 -16.66
C ALA A 119 -10.18 -7.84 -17.58
N ASN A 120 -9.54 -8.91 -17.12
CA ASN A 120 -9.41 -10.13 -17.91
C ASN A 120 -10.77 -10.81 -18.11
N VAL A 121 -11.58 -10.90 -17.07
CA VAL A 121 -12.88 -11.54 -17.21
C VAL A 121 -13.77 -10.71 -18.14
N VAL A 122 -13.70 -9.39 -18.06
CA VAL A 122 -14.42 -8.52 -18.98
C VAL A 122 -13.92 -8.73 -20.41
N ALA A 123 -12.60 -8.71 -20.60
CA ALA A 123 -12.02 -8.80 -21.94
C ALA A 123 -12.33 -10.13 -22.62
N THR A 124 -12.37 -11.21 -21.84
CA THR A 124 -12.64 -12.54 -22.39
C THR A 124 -14.14 -12.88 -22.44
N ARG A 125 -14.98 -11.91 -22.07
CA ARG A 125 -16.43 -12.09 -22.03
C ARG A 125 -16.84 -13.27 -21.16
N GLY A 126 -16.15 -13.42 -20.04
CA GLY A 126 -16.41 -14.55 -19.16
C GLY A 126 -17.38 -14.25 -18.04
N ASN A 127 -17.69 -15.30 -17.28
CA ASN A 127 -18.43 -15.16 -16.05
C ASN A 127 -17.46 -15.12 -14.89
N GLY A 128 -17.72 -14.26 -13.92
CA GLY A 128 -16.87 -14.14 -12.75
C GLY A 128 -17.66 -13.90 -11.49
N ALA A 129 -17.33 -14.64 -10.44
CA ALA A 129 -17.91 -14.46 -9.13
C ALA A 129 -16.91 -13.63 -8.32
N THR A 130 -17.35 -12.44 -7.94
CA THR A 130 -16.43 -11.45 -7.40
C THR A 130 -16.17 -11.63 -5.91
N THR A 131 -14.89 -11.53 -5.54
CA THR A 131 -14.46 -11.57 -4.15
C THR A 131 -14.64 -10.20 -3.50
N VAL A 132 -14.21 -10.05 -2.25
CA VAL A 132 -14.29 -8.75 -1.60
C VAL A 132 -13.51 -7.68 -2.38
N SER A 133 -12.29 -7.97 -2.82
CA SER A 133 -11.52 -6.92 -3.50
C SER A 133 -12.22 -6.47 -4.79
N ALA A 134 -12.80 -7.39 -5.54
CA ALA A 134 -13.48 -7.01 -6.79
C ALA A 134 -14.81 -6.31 -6.52
N THR A 135 -15.56 -6.81 -5.53
CA THR A 135 -16.87 -6.25 -5.23
C THR A 135 -16.73 -4.84 -4.65
N LEU A 136 -15.70 -4.62 -3.85
CA LEU A 136 -15.35 -3.26 -3.37
C LEU A 136 -15.25 -2.28 -4.51
N PHE A 137 -14.54 -2.69 -5.56
CA PHE A 137 -14.29 -1.82 -6.68
C PHE A 137 -15.60 -1.41 -7.35
N PHE A 138 -16.47 -2.38 -7.62
CA PHE A 138 -17.72 -2.05 -8.29
C PHE A 138 -18.69 -1.30 -7.39
N ALA A 139 -18.75 -1.64 -6.12
CA ALA A 139 -19.61 -0.93 -5.19
C ALA A 139 -19.21 0.55 -5.12
N SER A 140 -17.91 0.80 -5.02
CA SER A 140 -17.39 2.16 -4.95
C SER A 140 -17.70 2.95 -6.22
N MET A 141 -17.61 2.28 -7.34
CA MET A 141 -17.85 2.91 -8.63
C MET A 141 -19.24 3.56 -8.71
N VAL A 142 -20.24 2.93 -8.11
CA VAL A 142 -21.60 3.48 -8.20
C VAL A 142 -22.08 4.11 -6.90
N GLY A 143 -21.19 4.25 -5.92
CA GLY A 143 -21.50 5.00 -4.72
C GLY A 143 -22.23 4.24 -3.63
N ILE A 144 -22.11 2.91 -3.63
CA ILE A 144 -22.67 2.11 -2.55
C ILE A 144 -21.67 2.14 -1.39
N GLN A 145 -22.16 2.44 -0.19
CA GLN A 145 -21.30 2.64 0.97
C GLN A 145 -21.16 1.45 1.91
N VAL A 146 -22.12 0.53 1.84
CA VAL A 146 -22.17 -0.61 2.73
C VAL A 146 -22.17 -1.90 1.91
N PHE A 147 -21.23 -2.77 2.24
CA PHE A 147 -21.02 -4.02 1.52
C PHE A 147 -20.98 -5.17 2.53
N VAL A 148 -21.99 -6.03 2.47
CA VAL A 148 -22.08 -7.20 3.33
C VAL A 148 -21.40 -8.41 2.69
N THR A 149 -20.55 -9.09 3.44
CA THR A 149 -19.86 -10.31 3.04
C THR A 149 -19.94 -11.30 4.23
N GLY A 150 -19.40 -12.50 4.11
CA GLY A 150 -19.33 -13.38 5.26
C GLY A 150 -18.08 -13.07 6.06
N GLY A 151 -16.94 -13.37 5.47
CA GLY A 151 -15.66 -13.09 6.08
C GLY A 151 -14.78 -12.48 5.01
N ILE A 152 -13.80 -11.73 5.45
CA ILE A 152 -12.88 -11.13 4.51
C ILE A 152 -11.65 -12.05 4.38
N GLY A 153 -10.99 -12.05 3.21
CA GLY A 153 -9.71 -12.73 3.10
C GLY A 153 -8.73 -12.12 4.09
N GLY A 154 -7.56 -12.73 4.26
CA GLY A 154 -6.64 -12.23 5.26
C GLY A 154 -5.19 -12.56 5.00
N VAL A 155 -4.41 -12.36 6.04
CA VAL A 155 -3.04 -12.86 6.07
C VAL A 155 -3.10 -14.36 6.32
N HIS A 156 -2.47 -15.16 5.46
CA HIS A 156 -2.51 -16.59 5.65
C HIS A 156 -1.55 -17.04 6.73
N ARG A 157 -1.81 -18.20 7.31
CA ARG A 157 -0.87 -18.77 8.23
C ARG A 157 0.43 -19.05 7.49
N HIS A 158 1.55 -18.90 8.21
CA HIS A 158 2.90 -19.04 7.67
C HIS A 158 3.20 -18.02 6.57
N ALA A 159 2.52 -16.88 6.58
CA ALA A 159 2.80 -15.80 5.62
C ALA A 159 4.22 -15.29 5.81
N ASN A 160 4.78 -15.56 6.99
CA ASN A 160 6.14 -15.18 7.25
C ASN A 160 7.10 -15.97 6.39
N HIS A 161 6.68 -17.13 5.88
CA HIS A 161 7.44 -17.83 4.84
C HIS A 161 6.93 -17.60 3.40
N SER A 162 5.65 -17.29 3.25
CA SER A 162 5.02 -17.29 1.92
C SER A 162 4.67 -15.91 1.38
N MET A 163 4.45 -14.98 2.28
CA MET A 163 3.92 -13.65 1.95
C MET A 163 2.54 -13.71 1.28
N ASP A 164 1.78 -14.76 1.58
CA ASP A 164 0.42 -14.87 1.07
C ASP A 164 -0.53 -13.99 1.88
N ILE A 165 -0.90 -12.84 1.32
CA ILE A 165 -1.73 -11.85 2.00
C ILE A 165 -2.83 -11.39 1.06
N SER A 166 -4.09 -11.55 1.47
CA SER A 166 -5.21 -11.27 0.57
C SER A 166 -5.24 -9.84 0.07
N SER A 167 -5.50 -9.68 -1.23
CA SER A 167 -5.71 -8.35 -1.79
C SER A 167 -6.97 -7.68 -1.22
N ASP A 168 -7.85 -8.47 -0.60
CA ASP A 168 -9.01 -7.90 0.08
C ASP A 168 -8.59 -6.80 1.05
N LEU A 169 -7.47 -7.03 1.73
CA LEU A 169 -7.02 -6.13 2.77
C LEU A 169 -6.44 -4.86 2.18
N THR A 170 -5.63 -5.02 1.15
CA THR A 170 -5.05 -3.89 0.45
C THR A 170 -6.17 -3.05 -0.16
N ALA A 171 -7.12 -3.71 -0.80
CA ALA A 171 -8.22 -3.01 -1.44
C ALA A 171 -9.02 -2.19 -0.43
N LEU A 172 -9.31 -2.76 0.73
CA LEU A 172 -10.10 -2.05 1.73
C LEU A 172 -9.32 -0.84 2.25
N GLY A 173 -7.99 -0.95 2.29
CA GLY A 173 -7.14 0.16 2.69
C GLY A 173 -7.14 1.35 1.74
N ARG A 174 -7.63 1.17 0.53
CA ARG A 174 -7.67 2.29 -0.41
C ARG A 174 -9.01 2.40 -1.16
N THR A 175 -10.06 1.85 -0.56
CA THR A 175 -11.42 2.01 -1.06
C THR A 175 -12.33 2.39 0.10
N PRO A 176 -12.90 3.61 0.06
CA PRO A 176 -13.67 4.06 1.22
C PRO A 176 -15.10 3.50 1.22
N ILE A 177 -15.21 2.30 1.72
CA ILE A 177 -16.47 1.58 1.82
C ILE A 177 -16.44 0.84 3.15
N ALA A 178 -17.62 0.62 3.73
CA ALA A 178 -17.75 -0.17 4.93
C ALA A 178 -18.09 -1.61 4.58
N VAL A 179 -17.19 -2.52 4.94
CA VAL A 179 -17.42 -3.94 4.78
C VAL A 179 -17.98 -4.50 6.08
N ILE A 180 -19.09 -5.22 5.94
CA ILE A 180 -19.77 -5.83 7.07
C ILE A 180 -19.47 -7.31 7.03
N SER A 181 -18.61 -7.75 7.94
CA SER A 181 -18.13 -9.13 8.00
C SER A 181 -18.50 -9.74 9.36
N ALA A 182 -18.22 -11.02 9.51
CA ALA A 182 -18.29 -11.67 10.81
C ALA A 182 -16.89 -11.91 11.34
N GLY A 183 -15.95 -11.03 10.97
CA GLY A 183 -14.56 -11.19 11.34
C GLY A 183 -13.80 -11.99 10.30
N VAL A 184 -12.83 -12.77 10.77
CA VAL A 184 -11.87 -13.48 9.95
C VAL A 184 -11.79 -14.92 10.44
N ALA A 185 -11.84 -15.88 9.54
CA ALA A 185 -11.79 -17.28 9.95
C ALA A 185 -10.40 -17.69 10.45
N SER A 186 -10.38 -18.62 11.39
CA SER A 186 -9.13 -19.11 11.96
C SER A 186 -8.33 -19.96 10.98
N ILE A 187 -8.88 -20.24 9.81
CA ILE A 187 -8.09 -20.81 8.75
C ILE A 187 -6.93 -19.86 8.40
N LEU A 188 -7.21 -18.57 8.55
CA LEU A 188 -6.25 -17.51 8.32
C LEU A 188 -5.53 -17.13 9.62
N ASP A 189 -4.54 -16.25 9.55
CA ASP A 189 -3.83 -15.77 10.72
C ASP A 189 -4.54 -14.50 11.21
N ILE A 190 -5.38 -14.64 12.22
CA ILE A 190 -6.20 -13.52 12.63
C ILE A 190 -5.37 -12.38 13.23
N PRO A 191 -4.42 -12.68 14.16
CA PRO A 191 -3.62 -11.57 14.67
C PRO A 191 -2.86 -10.80 13.58
N LYS A 192 -2.27 -11.50 12.62
CA LYS A 192 -1.53 -10.81 11.58
C LYS A 192 -2.48 -10.05 10.65
N THR A 193 -3.68 -10.59 10.44
CA THR A 193 -4.66 -9.92 9.59
C THR A 193 -5.06 -8.59 10.23
N LEU A 194 -5.27 -8.60 11.54
CA LEU A 194 -5.56 -7.37 12.27
C LEU A 194 -4.39 -6.38 12.16
N GLU A 195 -3.16 -6.85 12.29
CA GLU A 195 -2.00 -5.96 12.15
C GLU A 195 -1.94 -5.36 10.73
N TYR A 196 -2.16 -6.19 9.72
CA TYR A 196 -2.06 -5.72 8.35
C TYR A 196 -3.15 -4.69 8.06
N LEU A 197 -4.37 -4.94 8.53
CA LEU A 197 -5.44 -3.95 8.40
C LEU A 197 -5.06 -2.63 9.05
N GLU A 198 -4.45 -2.68 10.23
CA GLU A 198 -4.00 -1.45 10.88
C GLU A 198 -2.97 -0.72 10.03
N THR A 199 -2.02 -1.48 9.49
CA THR A 199 -0.99 -0.88 8.66
C THR A 199 -1.60 -0.19 7.44
N GLN A 200 -2.69 -0.76 6.91
CA GLN A 200 -3.36 -0.19 5.75
C GLN A 200 -4.34 0.94 6.07
N GLU A 201 -4.44 1.32 7.34
CA GLU A 201 -5.29 2.41 7.83
C GLU A 201 -6.79 2.10 7.77
N VAL A 202 -7.12 0.82 7.88
CA VAL A 202 -8.52 0.39 7.90
C VAL A 202 -9.03 0.40 9.34
N TYR A 203 -10.07 1.19 9.60
CA TYR A 203 -10.75 1.18 10.88
C TYR A 203 -11.48 -0.16 11.07
N VAL A 204 -11.16 -0.85 12.16
CA VAL A 204 -11.72 -2.14 12.48
C VAL A 204 -12.49 -2.03 13.79
N ALA A 205 -13.76 -2.43 13.78
CA ALA A 205 -14.56 -2.41 15.00
C ALA A 205 -15.43 -3.65 15.12
N ALA A 206 -15.44 -4.23 16.31
CA ALA A 206 -16.37 -5.31 16.62
C ALA A 206 -17.70 -4.74 17.07
N TYR A 207 -18.77 -5.45 16.74
CA TYR A 207 -20.12 -5.02 17.03
C TYR A 207 -20.60 -5.63 18.35
N LYS A 208 -20.82 -4.76 19.34
CA LYS A 208 -21.34 -5.14 20.66
C LYS A 208 -20.48 -6.18 21.35
N SER A 209 -19.17 -6.08 21.18
CA SER A 209 -18.25 -7.00 21.83
C SER A 209 -16.88 -6.37 21.90
N ASP A 210 -16.09 -6.76 22.90
CA ASP A 210 -14.69 -6.39 22.98
C ASP A 210 -13.79 -7.40 22.29
N GLU A 211 -14.36 -8.52 21.85
CA GLU A 211 -13.55 -9.55 21.22
C GLU A 211 -13.76 -9.59 19.71
N PHE A 212 -12.66 -9.59 18.96
CA PHE A 212 -12.77 -9.70 17.52
C PHE A 212 -13.28 -11.09 17.15
N PRO A 213 -14.35 -11.16 16.34
CA PRO A 213 -14.90 -12.50 16.04
C PRO A 213 -14.14 -13.28 14.97
N ALA A 214 -14.30 -14.60 14.98
CA ALA A 214 -13.56 -15.49 14.10
C ALA A 214 -14.50 -16.22 13.13
N PHE A 215 -15.42 -15.49 12.52
CA PHE A 215 -16.22 -16.02 11.41
C PHE A 215 -17.20 -17.11 11.92
N PHE A 216 -16.82 -18.38 11.78
CA PHE A 216 -17.64 -19.50 12.26
C PHE A 216 -17.95 -19.41 13.75
N THR A 217 -17.02 -18.86 14.50
CA THR A 217 -17.16 -18.75 15.96
C THR A 217 -16.91 -17.33 16.43
N GLU A 218 -17.50 -16.97 17.57
CA GLU A 218 -17.36 -15.61 18.09
C GLU A 218 -16.01 -15.37 18.77
N LYS A 219 -15.33 -16.44 19.15
CA LYS A 219 -14.09 -16.34 19.91
C LYS A 219 -12.86 -16.43 19.01
N SER A 220 -12.08 -15.35 18.92
CA SER A 220 -10.82 -15.41 18.18
C SER A 220 -9.61 -15.42 19.11
N GLY A 221 -9.81 -14.93 20.33
CA GLY A 221 -8.71 -14.77 21.27
C GLY A 221 -7.96 -13.45 21.06
N CYS A 222 -8.47 -12.62 20.15
CA CYS A 222 -7.92 -11.30 19.90
C CYS A 222 -8.89 -10.23 20.35
N LYS A 223 -8.38 -9.24 21.06
CA LYS A 223 -9.16 -8.08 21.44
C LYS A 223 -9.50 -7.27 20.19
N ALA A 224 -10.73 -6.77 20.10
CA ALA A 224 -11.08 -5.87 19.00
C ALA A 224 -10.40 -4.52 19.22
N PRO A 225 -9.85 -3.91 18.16
CA PRO A 225 -9.18 -2.63 18.38
C PRO A 225 -10.15 -1.49 18.65
N SER A 226 -11.43 -1.67 18.29
CA SER A 226 -12.44 -0.67 18.56
C SER A 226 -13.78 -1.38 18.60
N ARG A 227 -14.80 -0.68 19.09
CA ARG A 227 -16.12 -1.27 19.29
C ARG A 227 -17.20 -0.28 18.91
N VAL A 228 -18.27 -0.80 18.32
CA VAL A 228 -19.47 -0.04 18.01
C VAL A 228 -20.66 -0.82 18.52
N ASN A 229 -21.70 -0.13 18.97
CA ASN A 229 -22.76 -0.80 19.71
C ASN A 229 -24.16 -0.73 19.10
N SER A 230 -24.30 -0.11 17.94
CA SER A 230 -25.61 -0.01 17.32
C SER A 230 -25.43 0.27 15.84
N PRO A 231 -26.46 0.02 15.02
CA PRO A 231 -26.33 0.36 13.61
C PRO A 231 -26.14 1.86 13.40
N GLU A 232 -26.75 2.67 14.27
CA GLU A 232 -26.61 4.11 14.20
C GLU A 232 -25.18 4.57 14.50
N ASP A 233 -24.54 3.92 15.48
CA ASP A 233 -23.11 4.15 15.77
C ASP A 233 -22.29 3.93 14.52
N CYS A 234 -22.55 2.81 13.86
CA CYS A 234 -21.79 2.44 12.67
C CYS A 234 -21.98 3.48 11.59
N ALA A 235 -23.23 3.87 11.36
CA ALA A 235 -23.57 4.85 10.34
C ALA A 235 -22.89 6.20 10.60
N ARG A 236 -22.78 6.60 11.87
CA ARG A 236 -22.12 7.87 12.19
C ARG A 236 -20.63 7.81 11.85
N VAL A 237 -19.99 6.66 12.11
CA VAL A 237 -18.58 6.50 11.72
C VAL A 237 -18.42 6.59 10.21
N ILE A 238 -19.29 5.91 9.47
CA ILE A 238 -19.24 5.93 8.02
C ILE A 238 -19.45 7.34 7.48
N ASP A 239 -20.45 8.02 8.04
CA ASP A 239 -20.77 9.38 7.64
C ASP A 239 -19.56 10.31 7.82
N ALA A 240 -18.89 10.20 8.97
CA ALA A 240 -17.69 11.01 9.19
C ALA A 240 -16.61 10.66 8.18
N ASN A 241 -16.43 9.37 7.91
CA ASN A 241 -15.41 8.93 6.96
C ASN A 241 -15.66 9.53 5.57
N MET A 242 -16.94 9.55 5.18
CA MET A 242 -17.35 10.13 3.90
C MET A 242 -17.10 11.63 3.85
N LYS A 243 -17.52 12.34 4.88
CA LYS A 243 -17.38 13.80 4.94
C LYS A 243 -15.91 14.22 4.95
N LEU A 244 -15.07 13.40 5.56
CA LEU A 244 -13.63 13.66 5.62
C LEU A 244 -12.90 13.36 4.31
N ASN A 245 -13.58 12.64 3.41
CA ASN A 245 -13.00 12.20 2.15
C ASN A 245 -11.75 11.33 2.34
N ARG A 246 -11.73 10.53 3.39
CA ARG A 246 -10.67 9.53 3.57
C ARG A 246 -10.77 8.48 2.48
N GLN A 247 -9.62 7.95 2.09
CA GLN A 247 -9.58 6.96 1.00
C GLN A 247 -9.54 5.53 1.50
N ALA A 248 -9.43 5.34 2.81
CA ALA A 248 -9.45 4.02 3.40
C ALA A 248 -10.83 3.67 3.91
N GLY A 249 -11.14 2.38 3.87
CA GLY A 249 -12.43 1.88 4.27
C GLY A 249 -12.45 1.38 5.69
N ILE A 250 -13.53 0.65 5.97
CA ILE A 250 -13.90 0.24 7.32
C ILE A 250 -14.26 -1.22 7.32
N LEU A 251 -13.77 -1.96 8.31
CA LEU A 251 -14.25 -3.32 8.55
C LEU A 251 -15.04 -3.39 9.84
N PHE A 252 -16.35 -3.60 9.71
CA PHE A 252 -17.17 -3.93 10.86
C PHE A 252 -17.19 -5.44 10.99
N ALA A 253 -17.05 -5.93 12.20
CA ALA A 253 -17.00 -7.36 12.45
C ALA A 253 -18.13 -7.71 13.41
N ILE A 254 -19.12 -8.40 12.87
CA ILE A 254 -20.36 -8.76 13.57
C ILE A 254 -20.24 -10.19 14.07
N PRO A 255 -20.10 -10.38 15.39
CA PRO A 255 -19.99 -11.75 15.90
C PRO A 255 -21.21 -12.60 15.52
N ILE A 256 -20.95 -13.84 15.08
CA ILE A 256 -22.02 -14.78 14.79
C ILE A 256 -22.93 -14.90 16.02
N PRO A 257 -24.26 -14.93 15.83
CA PRO A 257 -25.14 -15.03 17.00
C PRO A 257 -24.79 -16.19 17.93
N LYS A 258 -24.92 -15.94 19.23
CA LYS A 258 -24.45 -16.88 20.25
C LYS A 258 -25.18 -18.22 20.11
N HIS A 259 -26.45 -18.14 19.72
CA HIS A 259 -27.24 -19.35 19.48
C HIS A 259 -26.82 -20.07 18.19
N HIS A 260 -26.10 -19.39 17.31
CA HIS A 260 -25.63 -20.05 16.12
C HIS A 260 -24.13 -20.32 16.24
N ALA A 263 -21.02 -25.09 18.73
CA ALA A 263 -20.48 -25.59 17.46
C ALA A 263 -19.15 -24.92 17.14
N GLY A 264 -18.83 -23.86 17.87
CA GLY A 264 -17.63 -23.09 17.62
C GLY A 264 -16.44 -23.92 18.01
N ASN A 265 -16.61 -24.68 19.08
CA ASN A 265 -15.55 -25.51 19.64
C ASN A 265 -15.15 -26.58 18.62
N LEU A 266 -16.17 -27.13 17.97
CA LEU A 266 -16.01 -28.14 16.93
C LEU A 266 -15.28 -27.60 15.69
N ILE A 267 -15.74 -26.47 15.19
CA ILE A 267 -15.19 -25.92 13.95
C ILE A 267 -13.72 -25.49 14.10
N GLU A 268 -13.37 -24.97 15.27
CA GLU A 268 -11.97 -24.63 15.57
C GLU A 268 -11.06 -25.86 15.59
N SER A 269 -11.53 -26.92 16.22
CA SER A 269 -10.79 -28.18 16.25
C SER A 269 -10.61 -28.72 14.84
N ALA A 270 -11.67 -28.68 14.05
CA ALA A 270 -11.60 -29.13 12.66
C ALA A 270 -10.65 -28.26 11.84
N THR A 271 -10.64 -26.96 12.12
CA THR A 271 -9.76 -26.04 11.41
C THR A 271 -8.30 -26.43 11.60
N GLN A 272 -7.92 -26.71 12.85
CA GLN A 272 -6.55 -27.12 13.11
C GLN A 272 -6.21 -28.40 12.36
N ARG A 273 -7.14 -29.35 12.34
CA ARG A 273 -6.88 -30.59 11.62
C ARG A 273 -6.77 -30.35 10.11
N ALA A 274 -7.65 -29.51 9.55
CA ALA A 274 -7.61 -29.23 8.13
C ALA A 274 -6.31 -28.55 7.72
N LEU A 275 -5.84 -27.64 8.56
CA LEU A 275 -4.57 -26.96 8.29
C LEU A 275 -3.42 -27.95 8.24
N THR A 276 -3.39 -28.86 9.20
CA THR A 276 -2.35 -29.87 9.23
C THR A 276 -2.37 -30.73 7.95
N GLU A 277 -3.57 -31.12 7.52
CA GLU A 277 -3.70 -31.93 6.32
C GLU A 277 -3.21 -31.20 5.06
N ALA A 278 -3.57 -29.93 4.93
CA ALA A 278 -3.17 -29.13 3.77
C ALA A 278 -1.64 -29.02 3.69
N ARG A 279 -1.02 -28.90 4.85
CA ARG A 279 0.43 -28.80 4.98
C ARG A 279 1.12 -30.12 4.64
N GLU A 280 0.61 -31.22 5.19
CA GLU A 280 1.24 -32.53 4.97
C GLU A 280 1.03 -32.98 3.53
N GLN A 281 0.03 -32.41 2.84
CA GLN A 281 -0.25 -32.78 1.47
C GLN A 281 0.15 -31.71 0.43
N ASN A 282 0.86 -30.68 0.90
CA ASN A 282 1.23 -29.55 0.05
C ASN A 282 0.13 -29.07 -0.88
N VAL A 283 -1.02 -28.70 -0.31
CA VAL A 283 -2.07 -28.10 -1.12
C VAL A 283 -1.79 -26.61 -1.20
N THR A 284 -1.55 -26.12 -2.42
CA THR A 284 -1.16 -24.73 -2.62
C THR A 284 -1.93 -24.10 -3.77
N GLY A 285 -1.63 -22.83 -4.06
CA GLY A 285 -2.22 -22.12 -5.18
C GLY A 285 -3.73 -22.01 -5.11
N ASN A 286 -4.38 -22.18 -6.25
CA ASN A 286 -5.84 -22.05 -6.34
C ASN A 286 -6.59 -23.12 -5.55
N ALA A 287 -5.91 -24.22 -5.25
CA ALA A 287 -6.55 -25.34 -4.57
C ALA A 287 -6.66 -25.16 -3.07
N GLU A 288 -5.80 -24.32 -2.51
CA GLU A 288 -5.61 -24.26 -1.06
C GLU A 288 -6.83 -23.82 -0.25
N THR A 289 -7.35 -22.63 -0.52
CA THR A 289 -8.50 -22.11 0.24
C THR A 289 -9.77 -22.96 0.06
N PRO A 290 -10.11 -23.36 -1.17
CA PRO A 290 -11.26 -24.26 -1.27
C PRO A 290 -11.04 -25.57 -0.52
N PHE A 291 -9.82 -26.08 -0.49
CA PHE A 291 -9.54 -27.33 0.21
C PHE A 291 -9.84 -27.19 1.68
N LEU A 292 -9.36 -26.11 2.29
CA LEU A 292 -9.55 -25.89 3.72
C LEU A 292 -11.02 -25.71 4.08
N LEU A 293 -11.75 -24.89 3.33
CA LEU A 293 -13.17 -24.69 3.61
C LEU A 293 -13.94 -25.99 3.45
N ALA A 294 -13.64 -26.75 2.40
CA ALA A 294 -14.32 -28.03 2.18
C ALA A 294 -13.97 -29.03 3.28
N ARG A 295 -12.69 -29.13 3.63
CA ARG A 295 -12.26 -30.07 4.67
C ARG A 295 -12.93 -29.74 6.01
N VAL A 296 -12.99 -28.47 6.39
CA VAL A 296 -13.62 -28.11 7.65
C VAL A 296 -15.10 -28.53 7.63
N ASN A 297 -15.78 -28.32 6.51
CA ASN A 297 -17.18 -28.72 6.46
C ASN A 297 -17.36 -30.24 6.54
N GLU A 298 -16.49 -30.98 5.86
CA GLU A 298 -16.53 -32.44 5.90
C GLU A 298 -16.25 -32.94 7.31
N LEU A 299 -15.20 -32.40 7.92
CA LEU A 299 -14.80 -32.82 9.26
C LEU A 299 -15.84 -32.49 10.32
N THR A 300 -16.61 -31.43 10.10
CA THR A 300 -17.64 -31.04 11.08
C THR A 300 -19.03 -31.52 10.70
N GLY A 301 -19.12 -32.34 9.65
CA GLY A 301 -20.40 -32.90 9.24
C GLY A 301 -21.43 -31.87 8.83
N GLY A 302 -20.99 -30.77 8.23
CA GLY A 302 -21.90 -29.75 7.77
C GLY A 302 -22.07 -28.60 8.74
N THR A 303 -21.46 -28.71 9.92
CA THR A 303 -21.65 -27.69 10.94
C THR A 303 -21.07 -26.33 10.52
N SER A 304 -19.91 -26.34 9.86
CA SER A 304 -19.30 -25.07 9.47
C SER A 304 -20.10 -24.40 8.34
N LEU A 305 -20.61 -25.17 7.37
CA LEU A 305 -21.45 -24.57 6.33
C LEU A 305 -22.70 -23.95 6.97
N ALA A 306 -23.32 -24.67 7.90
CA ALA A 306 -24.49 -24.14 8.59
C ALA A 306 -24.17 -22.82 9.30
N ALA A 307 -23.00 -22.77 9.94
CA ALA A 307 -22.59 -21.54 10.61
C ALA A 307 -22.34 -20.42 9.59
N ASN A 308 -21.74 -20.76 8.46
CA ASN A 308 -21.47 -19.78 7.42
C ASN A 308 -22.77 -19.19 6.91
N ILE A 309 -23.80 -20.03 6.78
CA ILE A 309 -25.10 -19.56 6.35
C ILE A 309 -25.69 -18.62 7.41
N ALA A 310 -25.61 -19.01 8.68
CA ALA A 310 -26.13 -18.18 9.76
C ALA A 310 -25.44 -16.81 9.84
N LEU A 311 -24.11 -16.80 9.66
CA LEU A 311 -23.39 -15.54 9.85
C LEU A 311 -23.64 -14.57 8.68
N VAL A 312 -23.77 -15.07 7.45
CA VAL A 312 -24.00 -14.12 6.36
C VAL A 312 -25.42 -13.52 6.48
N LYS A 313 -26.37 -14.31 6.95
CA LYS A 313 -27.71 -13.78 7.21
C LYS A 313 -27.69 -12.72 8.32
N ASN A 314 -26.92 -12.98 9.37
CA ASN A 314 -26.79 -12.00 10.46
C ASN A 314 -26.08 -10.73 9.98
N ASN A 315 -25.04 -10.90 9.16
CA ASN A 315 -24.35 -9.72 8.61
C ASN A 315 -25.31 -8.90 7.75
N ALA A 316 -26.18 -9.59 7.01
CA ALA A 316 -27.16 -8.92 6.17
C ALA A 316 -28.15 -8.10 7.00
N LEU A 317 -28.55 -8.67 8.13
CA LEU A 317 -29.47 -7.98 9.04
C LEU A 317 -28.86 -6.68 9.57
N ILE A 318 -27.69 -6.79 10.19
CA ILE A 318 -27.04 -5.63 10.79
C ILE A 318 -26.57 -4.66 9.69
N GLY A 319 -26.01 -5.19 8.61
CA GLY A 319 -25.54 -4.35 7.54
C GLY A 319 -26.63 -3.50 6.89
N SER A 320 -27.80 -4.11 6.68
CA SER A 320 -28.91 -3.36 6.09
C SER A 320 -29.40 -2.28 7.06
N GLN A 321 -29.43 -2.60 8.36
CA GLN A 321 -29.81 -1.59 9.34
C GLN A 321 -28.81 -0.43 9.34
N ILE A 322 -27.52 -0.74 9.19
CA ILE A 322 -26.50 0.29 9.10
C ILE A 322 -26.73 1.16 7.85
N ALA A 323 -26.97 0.51 6.72
CA ALA A 323 -27.19 1.26 5.48
C ALA A 323 -28.42 2.18 5.55
N VAL A 324 -29.49 1.69 6.14
CA VAL A 324 -30.68 2.51 6.29
C VAL A 324 -30.41 3.70 7.25
N ALA A 325 -29.74 3.43 8.37
CA ALA A 325 -29.38 4.50 9.29
C ALA A 325 -28.51 5.54 8.59
N LEU A 326 -27.57 5.08 7.76
CA LEU A 326 -26.70 6.00 7.04
C LEU A 326 -27.50 6.85 6.06
N SER A 327 -28.40 6.22 5.30
CA SER A 327 -29.21 6.96 4.34
C SER A 327 -30.04 8.03 5.04
N GLN A 328 -30.53 7.71 6.22
CA GLN A 328 -31.33 8.65 7.02
C GLN A 328 -30.48 9.80 7.54
N LEU A 329 -29.25 9.50 7.95
CA LEU A 329 -28.31 10.54 8.37
C LEU A 329 -28.07 11.56 7.26
N MET A 330 -27.86 11.04 6.06
CA MET A 330 -27.54 11.89 4.91
C MET A 330 -28.78 12.65 4.42
N SER B 28 -16.43 21.14 5.00
CA SER B 28 -15.95 22.01 6.06
C SER B 28 -16.17 21.40 7.44
N LEU B 29 -15.60 20.22 7.67
CA LEU B 29 -15.65 19.60 8.99
C LEU B 29 -14.51 20.17 9.84
N VAL B 30 -13.48 20.66 9.16
CA VAL B 30 -12.25 21.06 9.85
C VAL B 30 -12.25 22.55 10.17
N LYS B 31 -11.76 22.88 11.36
CA LYS B 31 -11.62 24.27 11.76
C LYS B 31 -10.17 24.69 11.70
N ILE B 32 -9.89 25.64 10.82
CA ILE B 32 -8.55 26.18 10.71
C ILE B 32 -8.53 27.50 11.47
N SER B 33 -7.59 27.64 12.38
CA SER B 33 -7.54 28.84 13.22
C SER B 33 -7.24 30.06 12.36
N PRO B 34 -7.66 31.25 12.82
CA PRO B 34 -7.41 32.50 12.09
C PRO B 34 -5.93 32.69 11.77
N GLN B 35 -5.08 32.36 12.74
CA GLN B 35 -3.66 32.53 12.58
C GLN B 35 -3.10 31.63 11.46
N VAL B 36 -3.56 30.38 11.42
CA VAL B 36 -3.10 29.46 10.40
C VAL B 36 -3.71 29.79 9.02
N SER B 37 -5.00 30.14 9.00
CA SER B 37 -5.64 30.51 7.74
C SER B 37 -5.00 31.77 7.15
N GLU B 38 -4.65 32.74 8.00
CA GLU B 38 -3.98 33.95 7.55
C GLU B 38 -2.68 33.61 6.81
N ALA B 39 -1.88 32.72 7.39
CA ALA B 39 -0.62 32.32 6.78
C ALA B 39 -0.81 31.58 5.45
N LEU B 40 -1.71 30.60 5.44
CA LEU B 40 -1.93 29.79 4.25
C LEU B 40 -2.44 30.59 3.06
N SER B 41 -3.37 31.50 3.30
CA SER B 41 -3.96 32.29 2.22
C SER B 41 -2.93 33.21 1.57
N ASN B 42 -1.89 33.56 2.32
CA ASN B 42 -0.87 34.47 1.83
C ASN B 42 0.43 33.77 1.39
N GLY B 43 0.40 32.44 1.40
CA GLY B 43 1.54 31.65 0.96
C GLY B 43 2.74 31.70 1.90
N ARG B 44 2.49 32.08 3.15
CA ARG B 44 3.52 32.16 4.18
C ARG B 44 3.80 30.80 4.84
N ALA B 45 4.98 30.65 5.39
CA ALA B 45 5.41 29.37 5.97
C ALA B 45 4.57 28.92 7.15
N VAL B 46 4.11 27.67 7.07
CA VAL B 46 3.36 27.01 8.14
C VAL B 46 4.02 25.68 8.45
N VAL B 47 4.12 25.34 9.73
CA VAL B 47 4.63 24.04 10.16
C VAL B 47 3.56 23.29 10.94
N ALA B 48 3.12 22.14 10.42
CA ALA B 48 2.17 21.30 11.14
C ALA B 48 2.86 20.59 12.29
N LEU B 49 2.11 20.40 13.38
CA LEU B 49 2.61 19.72 14.56
C LEU B 49 1.56 18.71 15.01
N GLU B 50 2.01 17.58 15.58
CA GLU B 50 1.09 16.56 16.04
C GLU B 50 0.82 16.70 17.53
N SER B 51 -0.22 16.03 18.00
CA SER B 51 -0.64 16.18 19.38
C SER B 51 -0.51 14.92 20.22
N THR B 52 -0.23 13.77 19.61
CA THR B 52 -0.06 12.58 20.45
C THR B 52 1.17 12.68 21.35
N ILE B 53 2.20 13.43 20.93
CA ILE B 53 3.33 13.65 21.82
C ILE B 53 2.90 14.35 23.10
N ILE B 54 1.86 15.18 23.01
CA ILE B 54 1.36 15.91 24.16
C ILE B 54 0.55 14.99 25.08
N SER B 55 -0.49 14.36 24.56
CA SER B 55 -1.35 13.56 25.42
C SER B 55 -0.75 12.24 25.84
N HIS B 56 0.06 11.63 24.96
CA HIS B 56 0.54 10.26 25.20
C HIS B 56 2.04 10.09 25.27
N GLY B 57 2.77 10.92 24.55
CA GLY B 57 4.20 10.74 24.37
C GLY B 57 5.08 11.29 25.47
N MET B 58 4.53 12.18 26.28
CA MET B 58 5.28 12.86 27.32
C MET B 58 4.39 13.05 28.51
N PRO B 59 5.00 13.06 29.72
CA PRO B 59 4.24 13.21 30.95
C PRO B 59 3.90 14.67 31.20
N TYR B 60 2.91 14.86 32.07
CA TYR B 60 2.50 16.19 32.50
C TYR B 60 3.46 16.68 33.59
N PRO B 61 3.90 17.95 33.53
CA PRO B 61 3.55 18.99 32.57
C PRO B 61 4.61 19.27 31.49
N GLN B 62 5.67 18.46 31.40
CA GLN B 62 6.64 18.65 30.33
C GLN B 62 5.96 18.57 28.97
N ASN B 63 4.88 17.78 28.87
CA ASN B 63 4.20 17.67 27.59
C ASN B 63 3.69 19.02 27.09
N LEU B 64 3.05 19.76 27.99
CA LEU B 64 2.54 21.09 27.68
C LEU B 64 3.66 22.10 27.45
N GLN B 65 4.64 22.10 28.35
CA GLN B 65 5.76 23.02 28.25
C GLN B 65 6.45 22.88 26.91
N THR B 66 6.69 21.64 26.51
CA THR B 66 7.37 21.35 25.26
C THR B 66 6.54 21.76 24.04
N ALA B 67 5.24 21.49 24.08
CA ALA B 67 4.37 21.86 22.96
C ALA B 67 4.39 23.37 22.73
N LYS B 68 4.36 24.13 23.82
CA LYS B 68 4.41 25.59 23.73
C LYS B 68 5.78 26.08 23.27
N GLU B 69 6.84 25.46 23.76
CA GLU B 69 8.20 25.84 23.36
C GLU B 69 8.43 25.54 21.87
N VAL B 70 7.89 24.43 21.39
CA VAL B 70 7.99 24.08 19.98
C VAL B 70 7.27 25.13 19.13
N GLU B 71 6.08 25.54 19.52
CA GLU B 71 5.34 26.56 18.77
C GLU B 71 6.14 27.88 18.76
N SER B 72 6.76 28.21 19.89
CA SER B 72 7.59 29.41 19.97
C SER B 72 8.79 29.36 19.02
N ILE B 73 9.45 28.22 18.96
CA ILE B 73 10.58 28.04 18.06
C ILE B 73 10.15 28.21 16.62
N VAL B 74 8.99 27.65 16.28
CA VAL B 74 8.46 27.80 14.92
C VAL B 74 8.27 29.29 14.60
N ARG B 75 7.65 30.04 15.50
CA ARG B 75 7.46 31.48 15.28
C ARG B 75 8.76 32.26 15.18
N GLU B 76 9.76 31.90 16.00
CA GLU B 76 11.02 32.64 16.04
C GLU B 76 11.80 32.47 14.75
N ASN B 77 11.49 31.43 14.01
CA ASN B 77 12.21 31.20 12.77
C ASN B 77 11.36 31.51 11.54
N GLY B 78 10.29 32.25 11.75
CA GLY B 78 9.55 32.84 10.65
C GLY B 78 8.36 32.06 10.14
N ALA B 79 7.96 31.02 10.85
CA ALA B 79 6.81 30.25 10.40
C ALA B 79 5.68 30.29 11.43
N ILE B 80 4.52 29.82 11.01
CA ILE B 80 3.34 29.78 11.87
C ILE B 80 3.09 28.34 12.25
N PRO B 81 3.03 28.05 13.57
CA PRO B 81 2.80 26.68 14.02
C PRO B 81 1.34 26.31 13.90
N ALA B 82 1.09 25.10 13.42
CA ALA B 82 -0.26 24.57 13.31
C ALA B 82 -0.36 23.22 14.02
N THR B 83 -0.57 23.24 15.33
CA THR B 83 -0.76 21.99 16.04
C THR B 83 -2.15 21.46 15.70
N ILE B 84 -2.24 20.16 15.44
CA ILE B 84 -3.47 19.53 14.98
C ILE B 84 -3.97 18.56 16.05
N ALA B 85 -5.29 18.56 16.28
CA ALA B 85 -5.95 17.64 17.20
C ALA B 85 -7.43 17.59 16.85
N ILE B 86 -8.16 16.71 17.50
CA ILE B 86 -9.61 16.68 17.39
C ILE B 86 -10.18 17.01 18.77
N LEU B 87 -11.07 18.00 18.82
CA LEU B 87 -11.60 18.47 20.09
C LEU B 87 -13.11 18.43 20.01
N ASN B 88 -13.73 17.66 20.90
CA ASN B 88 -15.18 17.51 20.88
C ASN B 88 -15.69 17.14 19.49
N GLY B 89 -14.94 16.28 18.78
CA GLY B 89 -15.31 15.81 17.46
C GLY B 89 -14.95 16.74 16.32
N VAL B 90 -14.37 17.90 16.63
CA VAL B 90 -14.00 18.86 15.60
C VAL B 90 -12.50 18.79 15.31
N PRO B 91 -12.12 18.40 14.07
CA PRO B 91 -10.70 18.48 13.73
C PRO B 91 -10.26 19.93 13.73
N CYS B 92 -9.22 20.22 14.49
CA CYS B 92 -8.70 21.58 14.62
C CYS B 92 -7.28 21.66 14.11
N ILE B 93 -7.05 22.63 13.23
CA ILE B 93 -5.73 22.89 12.71
C ILE B 93 -5.34 24.29 13.21
N GLY B 94 -4.45 24.30 14.21
CA GLY B 94 -4.15 25.49 15.00
C GLY B 94 -4.94 25.43 16.29
N LEU B 95 -4.22 25.38 17.41
CA LEU B 95 -4.83 25.24 18.72
C LEU B 95 -4.54 26.43 19.61
N SER B 96 -5.46 26.75 20.50
CA SER B 96 -5.18 27.76 21.52
C SER B 96 -4.37 27.13 22.64
N GLU B 97 -3.79 27.97 23.49
CA GLU B 97 -3.06 27.47 24.65
C GLU B 97 -3.93 26.67 25.59
N GLU B 98 -5.16 27.12 25.81
CA GLU B 98 -6.05 26.35 26.68
C GLU B 98 -6.31 24.96 26.09
N GLU B 99 -6.37 24.86 24.76
CA GLU B 99 -6.57 23.56 24.12
C GLU B 99 -5.33 22.68 24.27
N LEU B 100 -4.13 23.26 24.15
CA LEU B 100 -2.91 22.52 24.41
C LEU B 100 -2.92 22.00 25.86
N GLU B 101 -3.34 22.88 26.79
CA GLU B 101 -3.41 22.52 28.20
C GLU B 101 -4.39 21.38 28.45
N ARG B 102 -5.52 21.43 27.74
CA ARG B 102 -6.54 20.39 27.87
C ARG B 102 -6.01 19.04 27.41
N LEU B 103 -5.34 19.01 26.26
CA LEU B 103 -4.74 17.78 25.74
C LEU B 103 -3.71 17.24 26.72
N ALA B 104 -2.89 18.14 27.27
CA ALA B 104 -1.82 17.74 28.17
C ALA B 104 -2.37 17.21 29.50
N SER B 105 -3.40 17.87 30.01
CA SER B 105 -3.98 17.52 31.31
C SER B 105 -4.83 16.25 31.28
N LEU B 106 -5.60 16.09 30.21
CA LEU B 106 -6.43 14.90 30.07
C LEU B 106 -5.56 13.70 29.76
N GLY B 107 -4.38 13.93 29.20
CA GLY B 107 -3.41 12.87 29.04
C GLY B 107 -3.96 11.67 28.30
N LYS B 108 -3.76 10.49 28.89
CA LYS B 108 -4.07 9.24 28.22
C LYS B 108 -5.57 8.99 28.08
N SER B 109 -6.40 9.86 28.64
CA SER B 109 -7.83 9.70 28.44
C SER B 109 -8.24 10.27 27.09
N VAL B 110 -7.36 11.06 26.48
CA VAL B 110 -7.57 11.49 25.11
C VAL B 110 -7.29 10.31 24.18
N GLN B 111 -8.11 10.09 23.16
CA GLN B 111 -7.85 8.99 22.22
C GLN B 111 -6.56 9.21 21.45
N LYS B 112 -5.64 8.24 21.52
CA LYS B 112 -4.51 8.25 20.60
C LYS B 112 -5.09 7.96 19.23
N THR B 113 -5.03 8.95 18.35
CA THR B 113 -5.78 8.91 17.11
C THR B 113 -4.88 8.75 15.91
N ALA B 114 -4.80 7.54 15.39
CA ALA B 114 -4.15 7.30 14.11
C ALA B 114 -5.13 7.71 13.01
N GLY B 115 -4.66 7.71 11.76
CA GLY B 115 -5.53 8.06 10.66
C GLY B 115 -6.83 7.25 10.67
N ARG B 116 -6.73 5.97 11.01
CA ARG B 116 -7.91 5.11 10.97
C ARG B 116 -8.90 5.39 12.07
N ASP B 117 -8.52 6.16 13.08
CA ASP B 117 -9.38 6.49 14.20
C ASP B 117 -10.11 7.81 14.02
N ILE B 118 -9.71 8.61 13.04
CA ILE B 118 -10.27 9.95 12.89
C ILE B 118 -11.80 9.93 12.80
N ALA B 119 -12.34 9.11 11.91
CA ALA B 119 -13.79 9.08 11.73
C ALA B 119 -14.53 8.72 13.02
N ASN B 120 -14.00 7.76 13.77
CA ASN B 120 -14.61 7.35 15.02
C ASN B 120 -14.56 8.45 16.07
N VAL B 121 -13.43 9.15 16.20
CA VAL B 121 -13.35 10.24 17.18
C VAL B 121 -14.29 11.38 16.79
N VAL B 122 -14.39 11.69 15.50
CA VAL B 122 -15.36 12.67 15.03
C VAL B 122 -16.81 12.22 15.35
N ALA B 123 -17.14 10.97 15.02
CA ALA B 123 -18.50 10.46 15.19
C ALA B 123 -18.92 10.44 16.64
N THR B 124 -17.99 10.13 17.53
CA THR B 124 -18.30 10.07 18.95
C THR B 124 -18.14 11.42 19.65
N ARG B 125 -17.80 12.46 18.89
CA ARG B 125 -17.57 13.80 19.45
C ARG B 125 -16.52 13.79 20.56
N GLY B 126 -15.48 12.99 20.37
CA GLY B 126 -14.44 12.85 21.36
C GLY B 126 -13.25 13.76 21.14
N ASN B 127 -12.31 13.68 22.06
CA ASN B 127 -11.03 14.32 21.90
C ASN B 127 -10.03 13.32 21.37
N GLY B 128 -9.20 13.77 20.45
CA GLY B 128 -8.20 12.90 19.85
C GLY B 128 -6.89 13.63 19.66
N ALA B 129 -5.82 12.98 20.09
CA ALA B 129 -4.47 13.47 19.90
C ALA B 129 -3.90 12.70 18.72
N THR B 130 -3.60 13.41 17.65
CA THR B 130 -3.31 12.78 16.37
C THR B 130 -1.85 12.33 16.26
N THR B 131 -1.66 11.13 15.74
CA THR B 131 -0.35 10.56 15.48
C THR B 131 0.17 11.07 14.14
N VAL B 132 1.32 10.57 13.71
CA VAL B 132 1.84 10.99 12.42
C VAL B 132 0.85 10.65 11.28
N SER B 133 0.29 9.44 11.25
CA SER B 133 -0.59 9.11 10.14
C SER B 133 -1.83 10.02 10.09
N ALA B 134 -2.40 10.36 11.25
CA ALA B 134 -3.57 11.22 11.24
C ALA B 134 -3.22 12.69 10.95
N THR B 135 -2.11 13.14 11.50
CA THR B 135 -1.69 14.51 11.30
C THR B 135 -1.30 14.75 9.84
N LEU B 136 -0.67 13.76 9.21
CA LEU B 136 -0.36 13.78 7.76
C LEU B 136 -1.60 14.09 6.96
N PHE B 137 -2.68 13.39 7.31
CA PHE B 137 -3.91 13.51 6.57
C PHE B 137 -4.45 14.93 6.63
N PHE B 138 -4.51 15.49 7.84
CA PHE B 138 -5.08 16.83 7.97
C PHE B 138 -4.16 17.91 7.41
N ALA B 139 -2.86 17.78 7.63
CA ALA B 139 -1.92 18.76 7.10
C ALA B 139 -2.00 18.83 5.58
N SER B 140 -2.00 17.66 4.93
CA SER B 140 -2.08 17.62 3.49
C SER B 140 -3.41 18.19 2.99
N MET B 141 -4.49 17.89 3.70
CA MET B 141 -5.81 18.35 3.34
C MET B 141 -5.88 19.86 3.18
N VAL B 142 -5.20 20.61 4.05
CA VAL B 142 -5.33 22.05 4.02
C VAL B 142 -4.13 22.73 3.38
N GLY B 143 -3.22 21.94 2.83
CA GLY B 143 -2.12 22.47 2.07
C GLY B 143 -0.87 22.86 2.84
N ILE B 144 -0.68 22.30 4.03
CA ILE B 144 0.58 22.47 4.76
C ILE B 144 1.58 21.43 4.25
N GLN B 145 2.79 21.87 3.91
CA GLN B 145 3.78 21.02 3.26
C GLN B 145 4.85 20.44 4.21
N VAL B 146 5.01 21.07 5.36
CA VAL B 146 6.03 20.67 6.31
C VAL B 146 5.39 20.32 7.64
N PHE B 147 5.71 19.12 8.14
CA PHE B 147 5.14 18.57 9.37
C PHE B 147 6.30 18.10 10.27
N VAL B 148 6.48 18.78 11.40
CA VAL B 148 7.52 18.44 12.36
C VAL B 148 7.01 17.50 13.44
N THR B 149 7.75 16.42 13.68
CA THR B 149 7.49 15.50 14.77
C THR B 149 8.83 15.09 15.36
N GLY B 150 8.83 14.32 16.44
CA GLY B 150 10.07 13.82 17.00
C GLY B 150 10.62 12.65 16.22
N GLY B 151 9.81 11.59 16.16
CA GLY B 151 10.12 10.39 15.41
C GLY B 151 8.91 9.86 14.67
N ILE B 152 9.16 9.04 13.66
CA ILE B 152 8.05 8.37 12.98
C ILE B 152 7.90 6.93 13.53
N GLY B 153 6.68 6.39 13.48
CA GLY B 153 6.49 4.98 13.77
C GLY B 153 7.21 4.11 12.76
N GLY B 154 7.31 2.81 13.03
CA GLY B 154 8.07 1.97 12.13
C GLY B 154 7.64 0.52 12.11
N VAL B 155 8.50 -0.30 11.53
CA VAL B 155 8.39 -1.74 11.63
C VAL B 155 8.86 -2.13 13.02
N HIS B 156 8.05 -2.85 13.76
CA HIS B 156 8.43 -3.24 15.11
C HIS B 156 9.43 -4.38 15.09
N ARG B 157 10.17 -4.54 16.19
CA ARG B 157 11.03 -5.70 16.34
C ARG B 157 10.16 -6.95 16.33
N HIS B 158 10.71 -8.03 15.77
CA HIS B 158 10.01 -9.30 15.62
C HIS B 158 8.77 -9.19 14.74
N ALA B 159 8.75 -8.22 13.83
CA ALA B 159 7.65 -8.06 12.91
C ALA B 159 7.45 -9.28 11.99
N ASN B 160 8.46 -10.13 11.88
CA ASN B 160 8.31 -11.30 11.03
C ASN B 160 7.29 -12.28 11.62
N HIS B 161 7.15 -12.26 12.94
CA HIS B 161 6.10 -13.05 13.60
C HIS B 161 4.83 -12.26 13.87
N SER B 162 4.92 -10.94 13.92
CA SER B 162 3.76 -10.14 14.33
C SER B 162 3.15 -9.34 13.20
N MET B 163 3.97 -8.94 12.22
CA MET B 163 3.58 -8.01 11.15
C MET B 163 3.11 -6.67 11.73
N ASP B 164 3.61 -6.31 12.92
CA ASP B 164 3.28 -5.02 13.52
C ASP B 164 4.10 -3.92 12.84
N ILE B 165 3.45 -3.17 11.97
CA ILE B 165 4.09 -2.13 11.16
C ILE B 165 3.24 -0.86 11.18
N SER B 166 3.85 0.25 11.60
CA SER B 166 3.11 1.49 11.79
C SER B 166 2.41 1.98 10.53
N SER B 167 1.16 2.40 10.69
CA SER B 167 0.45 3.03 9.59
C SER B 167 1.11 4.35 9.17
N ASP B 168 1.96 4.92 10.02
CA ASP B 168 2.73 6.10 9.65
C ASP B 168 3.44 5.89 8.31
N LEU B 169 3.97 4.69 8.10
CA LEU B 169 4.78 4.43 6.92
C LEU B 169 3.94 4.36 5.66
N THR B 170 2.82 3.66 5.73
CA THR B 170 1.88 3.58 4.63
C THR B 170 1.33 4.96 4.30
N ALA B 171 0.95 5.69 5.34
CA ALA B 171 0.39 7.01 5.14
C ALA B 171 1.38 7.92 4.42
N LEU B 172 2.65 7.90 4.83
CA LEU B 172 3.61 8.78 4.19
C LEU B 172 3.84 8.37 2.74
N GLY B 173 3.73 7.08 2.45
CA GLY B 173 3.86 6.58 1.09
C GLY B 173 2.76 7.02 0.14
N ARG B 174 1.66 7.54 0.68
CA ARG B 174 0.59 8.01 -0.21
C ARG B 174 0.04 9.37 0.19
N THR B 175 0.86 10.16 0.91
CA THR B 175 0.51 11.53 1.25
C THR B 175 1.69 12.43 0.94
N PRO B 176 1.55 13.37 -0.02
CA PRO B 176 2.70 14.15 -0.46
C PRO B 176 3.00 15.33 0.48
N ILE B 177 3.71 15.03 1.56
CA ILE B 177 4.06 16.01 2.56
C ILE B 177 5.44 15.64 3.06
N ALA B 178 6.17 16.62 3.59
CA ALA B 178 7.48 16.36 4.17
C ALA B 178 7.38 16.25 5.68
N VAL B 179 7.76 15.10 6.20
CA VAL B 179 7.85 14.91 7.65
C VAL B 179 9.29 15.17 8.09
N ILE B 180 9.42 16.04 9.11
CA ILE B 180 10.72 16.41 9.67
C ILE B 180 10.84 15.69 11.00
N SER B 181 11.69 14.68 11.06
CA SER B 181 11.88 13.81 12.21
C SER B 181 13.32 13.78 12.65
N ALA B 182 13.57 13.10 13.77
CA ALA B 182 14.95 12.77 14.15
C ALA B 182 15.21 11.29 13.87
N GLY B 183 14.53 10.75 12.86
CA GLY B 183 14.67 9.34 12.54
C GLY B 183 13.66 8.44 13.23
N VAL B 184 14.14 7.25 13.58
CA VAL B 184 13.32 6.17 14.12
C VAL B 184 13.99 5.63 15.39
N ALA B 185 13.23 5.48 16.47
CA ALA B 185 13.80 4.98 17.73
C ALA B 185 14.16 3.50 17.65
N SER B 186 15.20 3.11 18.38
CA SER B 186 15.68 1.74 18.39
C SER B 186 14.73 0.79 19.12
N ILE B 187 13.67 1.33 19.67
CA ILE B 187 12.56 0.51 20.15
C ILE B 187 12.01 -0.28 18.96
N LEU B 188 12.08 0.33 17.78
CA LEU B 188 11.64 -0.26 16.52
C LEU B 188 12.80 -0.93 15.78
N ASP B 189 12.50 -1.62 14.67
CA ASP B 189 13.49 -2.25 13.83
C ASP B 189 13.89 -1.24 12.76
N ILE B 190 15.01 -0.56 12.94
CA ILE B 190 15.36 0.53 12.04
C ILE B 190 15.70 0.04 10.62
N PRO B 191 16.52 -1.03 10.48
CA PRO B 191 16.77 -1.49 9.11
C PRO B 191 15.50 -1.87 8.35
N LYS B 192 14.59 -2.58 9.00
CA LYS B 192 13.37 -2.99 8.30
C LYS B 192 12.47 -1.79 8.03
N THR B 193 12.50 -0.80 8.92
CA THR B 193 11.71 0.41 8.72
C THR B 193 12.19 1.14 7.48
N LEU B 194 13.50 1.22 7.32
CA LEU B 194 14.08 1.82 6.12
C LEU B 194 13.68 1.04 4.85
N GLU B 195 13.71 -0.29 4.92
CA GLU B 195 13.28 -1.08 3.77
C GLU B 195 11.81 -0.82 3.44
N TYR B 196 10.95 -0.77 4.45
CA TYR B 196 9.53 -0.60 4.23
C TYR B 196 9.25 0.78 3.64
N LEU B 197 9.92 1.82 4.14
CA LEU B 197 9.80 3.15 3.57
C LEU B 197 10.18 3.13 2.09
N GLU B 198 11.25 2.43 1.76
CA GLU B 198 11.65 2.32 0.37
C GLU B 198 10.57 1.64 -0.48
N THR B 199 10.01 0.55 0.04
CA THR B 199 8.96 -0.18 -0.68
C THR B 199 7.73 0.72 -0.91
N GLN B 200 7.46 1.61 0.04
CA GLN B 200 6.31 2.54 -0.04
C GLN B 200 6.60 3.80 -0.85
N GLU B 201 7.79 3.88 -1.43
CA GLU B 201 8.20 4.97 -2.30
C GLU B 201 8.42 6.30 -1.58
N VAL B 202 8.78 6.24 -0.30
CA VAL B 202 9.10 7.45 0.47
C VAL B 202 10.56 7.82 0.36
N TYR B 203 10.83 9.02 -0.12
CA TYR B 203 12.18 9.56 -0.14
C TYR B 203 12.64 9.82 1.29
N VAL B 204 13.77 9.23 1.65
CA VAL B 204 14.36 9.34 2.99
C VAL B 204 15.73 10.01 2.87
N ALA B 205 15.97 11.06 3.63
CA ALA B 205 17.27 11.71 3.60
C ALA B 205 17.66 12.13 5.00
N ALA B 206 18.91 11.84 5.36
CA ALA B 206 19.47 12.33 6.61
C ALA B 206 20.04 13.72 6.39
N TYR B 207 19.96 14.53 7.43
CA TYR B 207 20.38 15.92 7.39
C TYR B 207 21.82 16.08 7.85
N LYS B 208 22.69 16.49 6.93
CA LYS B 208 24.12 16.73 7.22
C LYS B 208 24.83 15.52 7.82
N SER B 209 24.48 14.33 7.35
CA SER B 209 25.11 13.10 7.82
C SER B 209 24.92 11.98 6.82
N ASP B 210 25.82 11.01 6.81
CA ASP B 210 25.64 9.79 6.02
C ASP B 210 24.95 8.69 6.82
N GLU B 211 24.75 8.92 8.12
CA GLU B 211 24.15 7.91 8.99
C GLU B 211 22.71 8.26 9.31
N PHE B 212 21.80 7.30 9.12
CA PHE B 212 20.41 7.53 9.50
C PHE B 212 20.29 7.62 11.01
N PRO B 213 19.65 8.69 11.52
CA PRO B 213 19.61 8.83 12.98
C PRO B 213 18.53 7.96 13.64
N ALA B 214 18.74 7.70 14.94
CA ALA B 214 17.88 6.82 15.71
C ALA B 214 17.18 7.54 16.86
N PHE B 215 16.61 8.71 16.57
CA PHE B 215 15.73 9.41 17.52
C PHE B 215 16.58 9.94 18.70
N PHE B 216 16.61 9.20 19.81
CA PHE B 216 17.42 9.55 20.98
C PHE B 216 18.90 9.69 20.69
N THR B 217 19.40 8.92 19.73
CA THR B 217 20.82 8.96 19.36
C THR B 217 21.02 9.09 17.85
N GLU B 218 22.17 9.63 17.46
CA GLU B 218 22.49 9.81 16.05
C GLU B 218 22.94 8.48 15.45
N LYS B 219 23.30 7.53 16.32
CA LYS B 219 23.89 6.29 15.84
C LYS B 219 22.84 5.19 15.69
N SER B 220 22.55 4.81 14.45
CA SER B 220 21.66 3.69 14.17
C SER B 220 22.42 2.49 13.62
N GLY B 221 23.59 2.74 13.05
CA GLY B 221 24.35 1.69 12.39
C GLY B 221 23.86 1.48 10.96
N CYS B 222 22.93 2.31 10.53
CA CYS B 222 22.40 2.24 9.17
C CYS B 222 22.81 3.44 8.34
N LYS B 223 23.29 3.18 7.13
CA LYS B 223 23.61 4.26 6.20
C LYS B 223 22.32 4.94 5.75
N ALA B 224 22.34 6.26 5.65
CA ALA B 224 21.19 6.97 5.09
C ALA B 224 21.10 6.71 3.59
N PRO B 225 19.90 6.48 3.05
CA PRO B 225 19.84 6.22 1.61
C PRO B 225 20.09 7.48 0.78
N SER B 226 19.93 8.65 1.39
CA SER B 226 20.19 9.91 0.71
C SER B 226 20.51 10.95 1.77
N ARG B 227 21.02 12.10 1.35
CA ARG B 227 21.47 13.14 2.25
C ARG B 227 21.11 14.52 1.72
N VAL B 228 20.75 15.43 2.62
CA VAL B 228 20.54 16.84 2.31
C VAL B 228 21.34 17.65 3.32
N ASN B 229 21.84 18.81 2.91
CA ASN B 229 22.82 19.52 3.75
C ASN B 229 22.42 20.91 4.22
N SER B 230 21.21 21.35 3.88
CA SER B 230 20.74 22.67 4.27
C SER B 230 19.22 22.75 4.21
N PRO B 231 18.62 23.73 4.90
CA PRO B 231 17.17 23.85 4.78
C PRO B 231 16.74 24.14 3.35
N GLU B 232 17.59 24.86 2.62
CA GLU B 232 17.32 25.18 1.23
C GLU B 232 17.34 23.93 0.33
N ASP B 233 18.28 23.02 0.61
CA ASP B 233 18.32 21.73 -0.09
C ASP B 233 16.99 21.02 0.07
N CYS B 234 16.53 20.97 1.30
CA CYS B 234 15.29 20.29 1.64
C CYS B 234 14.12 20.92 0.91
N ALA B 235 14.05 22.25 0.94
CA ALA B 235 12.97 22.96 0.28
C ALA B 235 12.96 22.69 -1.23
N ARG B 236 14.13 22.61 -1.83
CA ARG B 236 14.19 22.35 -3.27
C ARG B 236 13.67 20.94 -3.60
N VAL B 237 13.97 19.95 -2.77
CA VAL B 237 13.40 18.61 -2.97
C VAL B 237 11.88 18.64 -2.84
N ILE B 238 11.38 19.30 -1.81
CA ILE B 238 9.94 19.41 -1.61
C ILE B 238 9.27 20.11 -2.79
N ASP B 239 9.88 21.21 -3.23
CA ASP B 239 9.37 21.98 -4.37
C ASP B 239 9.24 21.11 -5.62
N ALA B 240 10.27 20.31 -5.88
CA ALA B 240 10.24 19.41 -7.02
C ALA B 240 9.13 18.37 -6.85
N ASN B 241 8.99 17.82 -5.64
CA ASN B 241 7.97 16.82 -5.37
C ASN B 241 6.57 17.37 -5.63
N MET B 242 6.35 18.61 -5.22
CA MET B 242 5.09 19.31 -5.44
C MET B 242 4.83 19.53 -6.93
N LYS B 243 5.82 20.07 -7.62
CA LYS B 243 5.64 20.38 -9.03
C LYS B 243 5.41 19.11 -9.86
N LEU B 244 6.02 18.01 -9.46
CA LEU B 244 5.84 16.72 -10.14
C LEU B 244 4.49 16.08 -9.85
N ASN B 245 3.82 16.58 -8.82
CA ASN B 245 2.54 16.03 -8.38
C ASN B 245 2.66 14.56 -7.97
N ARG B 246 3.81 14.19 -7.40
CA ARG B 246 3.95 12.86 -6.80
C ARG B 246 3.01 12.73 -5.63
N GLN B 247 2.52 11.52 -5.38
CA GLN B 247 1.57 11.25 -4.30
C GLN B 247 2.23 10.70 -3.04
N ALA B 248 3.52 10.42 -3.12
CA ALA B 248 4.27 9.94 -1.97
C ALA B 248 5.01 11.09 -1.31
N GLY B 249 5.23 10.95 -0.02
CA GLY B 249 5.88 11.97 0.77
C GLY B 249 7.37 11.75 1.02
N ILE B 250 7.88 12.51 1.98
CA ILE B 250 9.30 12.62 2.24
C ILE B 250 9.56 12.54 3.73
N LEU B 251 10.57 11.77 4.11
CA LEU B 251 11.06 11.77 5.47
C LEU B 251 12.43 12.39 5.55
N PHE B 252 12.52 13.56 6.17
CA PHE B 252 13.82 14.12 6.51
C PHE B 252 14.14 13.67 7.94
N ALA B 253 15.37 13.25 8.15
CA ALA B 253 15.79 12.73 9.45
C ALA B 253 16.98 13.54 9.96
N ILE B 254 16.72 14.31 11.01
CA ILE B 254 17.65 15.27 11.58
C ILE B 254 18.31 14.66 12.82
N PRO B 255 19.61 14.31 12.75
CA PRO B 255 20.27 13.78 13.94
C PRO B 255 20.17 14.71 15.16
N ILE B 256 19.88 14.14 16.32
CA ILE B 256 19.85 14.90 17.57
C ILE B 256 21.17 15.67 17.74
N PRO B 257 21.11 16.93 18.22
CA PRO B 257 22.35 17.70 18.41
C PRO B 257 23.41 16.97 19.25
N LYS B 258 24.67 17.21 18.88
CA LYS B 258 25.85 16.55 19.44
C LYS B 258 25.96 16.71 20.95
N HIS B 259 25.33 17.76 21.46
CA HIS B 259 25.34 18.11 22.87
C HIS B 259 24.64 17.04 23.71
N HIS B 260 23.86 16.20 23.03
CA HIS B 260 23.18 15.07 23.65
C HIS B 260 23.79 13.72 23.29
N SER B 261 24.92 13.71 22.58
CA SER B 261 25.48 12.46 22.11
C SER B 261 25.92 11.55 23.27
N ALA B 262 26.37 12.15 24.37
CA ALA B 262 26.86 11.38 25.51
C ALA B 262 25.78 10.52 26.16
N ALA B 263 24.51 10.86 25.90
CA ALA B 263 23.38 10.16 26.49
C ALA B 263 22.91 8.96 25.66
N GLY B 264 23.45 8.79 24.45
CA GLY B 264 22.92 7.78 23.55
C GLY B 264 23.14 6.36 24.00
N ASN B 265 24.34 6.05 24.52
CA ASN B 265 24.61 4.68 24.96
C ASN B 265 23.71 4.30 26.12
N LEU B 266 23.49 5.26 27.01
CA LEU B 266 22.60 5.07 28.14
C LEU B 266 21.18 4.76 27.68
N ILE B 267 20.66 5.59 26.80
CA ILE B 267 19.28 5.41 26.36
C ILE B 267 19.13 4.11 25.56
N GLU B 268 20.14 3.78 24.77
CA GLU B 268 20.14 2.51 24.04
C GLU B 268 20.12 1.31 24.96
N SER B 269 20.97 1.36 26.01
CA SER B 269 21.02 0.27 26.99
C SER B 269 19.69 0.10 27.70
N ALA B 270 19.10 1.21 28.14
CA ALA B 270 17.80 1.18 28.80
C ALA B 270 16.71 0.67 27.85
N THR B 271 16.81 1.03 26.58
CA THR B 271 15.86 0.57 25.57
C THR B 271 15.89 -0.95 25.49
N GLN B 272 17.09 -1.53 25.41
CA GLN B 272 17.21 -2.98 25.37
C GLN B 272 16.63 -3.64 26.62
N ARG B 273 16.86 -3.07 27.80
CA ARG B 273 16.34 -3.66 29.02
C ARG B 273 14.81 -3.58 29.04
N ALA B 274 14.28 -2.44 28.63
CA ALA B 274 12.83 -2.25 28.59
C ALA B 274 12.15 -3.22 27.63
N LEU B 275 12.77 -3.45 26.47
CA LEU B 275 12.23 -4.40 25.50
C LEU B 275 12.17 -5.80 26.10
N THR B 276 13.25 -6.20 26.76
CA THR B 276 13.32 -7.50 27.42
C THR B 276 12.23 -7.62 28.49
N GLU B 277 12.09 -6.57 29.30
CA GLU B 277 11.07 -6.53 30.34
C GLU B 277 9.65 -6.62 29.79
N ALA B 278 9.41 -5.92 28.69
CA ALA B 278 8.08 -5.94 28.07
C ALA B 278 7.74 -7.36 27.61
N ARG B 279 8.75 -8.07 27.12
CA ARG B 279 8.56 -9.44 26.67
C ARG B 279 8.32 -10.39 27.84
N GLU B 280 9.13 -10.27 28.89
CA GLU B 280 9.02 -11.17 30.04
C GLU B 280 7.75 -10.91 30.85
N GLN B 281 7.17 -9.72 30.70
CA GLN B 281 5.97 -9.38 31.44
C GLN B 281 4.74 -9.41 30.54
N ASN B 282 4.95 -9.94 29.32
CA ASN B 282 3.94 -10.02 28.28
C ASN B 282 3.09 -8.75 28.15
N VAL B 283 3.77 -7.61 27.98
CA VAL B 283 3.09 -6.34 27.74
C VAL B 283 2.85 -6.17 26.24
N THR B 284 1.58 -6.13 25.85
CA THR B 284 1.22 -6.09 24.44
C THR B 284 0.15 -5.06 24.14
N GLY B 285 -0.26 -4.98 22.87
CA GLY B 285 -1.34 -4.11 22.46
C GLY B 285 -1.10 -2.64 22.76
N ASN B 286 -2.15 -1.97 23.21
CA ASN B 286 -2.10 -0.54 23.47
C ASN B 286 -1.18 -0.17 24.63
N ALA B 287 -0.85 -1.16 25.47
CA ALA B 287 -0.01 -0.94 26.65
C ALA B 287 1.48 -0.90 26.30
N GLU B 288 1.86 -1.53 25.19
CA GLU B 288 3.26 -1.79 24.86
C GLU B 288 4.12 -0.53 24.69
N THR B 289 3.74 0.32 23.75
CA THR B 289 4.51 1.53 23.47
C THR B 289 4.55 2.49 24.68
N PRO B 290 3.42 2.73 25.37
CA PRO B 290 3.53 3.55 26.58
C PRO B 290 4.44 2.96 27.65
N PHE B 291 4.43 1.64 27.79
CA PHE B 291 5.28 0.98 28.78
C PHE B 291 6.74 1.23 28.48
N LEU B 292 7.11 1.07 27.22
CA LEU B 292 8.49 1.22 26.80
C LEU B 292 9.01 2.65 26.99
N LEU B 293 8.24 3.64 26.56
CA LEU B 293 8.66 5.04 26.76
C LEU B 293 8.80 5.42 28.23
N ALA B 294 7.85 4.99 29.04
CA ALA B 294 7.89 5.28 30.47
C ALA B 294 9.05 4.57 31.15
N ARG B 295 9.23 3.29 30.86
CA ARG B 295 10.30 2.50 31.44
C ARG B 295 11.68 3.05 31.10
N VAL B 296 11.89 3.41 29.84
CA VAL B 296 13.17 3.98 29.42
C VAL B 296 13.43 5.28 30.19
N ASN B 297 12.41 6.12 30.35
CA ASN B 297 12.62 7.37 31.08
C ASN B 297 12.93 7.10 32.55
N GLU B 298 12.28 6.10 33.13
CA GLU B 298 12.55 5.71 34.51
C GLU B 298 13.99 5.18 34.66
N LEU B 299 14.38 4.26 33.77
CA LEU B 299 15.71 3.67 33.82
C LEU B 299 16.83 4.67 33.58
N THR B 300 16.54 5.72 32.81
CA THR B 300 17.57 6.70 32.50
C THR B 300 17.47 7.95 33.38
N GLY B 301 16.60 7.91 34.38
CA GLY B 301 16.51 9.02 35.32
C GLY B 301 16.08 10.33 34.67
N GLY B 302 15.27 10.24 33.63
CA GLY B 302 14.80 11.43 32.96
C GLY B 302 15.61 11.82 31.75
N THR B 303 16.72 11.13 31.51
CA THR B 303 17.59 11.48 30.40
C THR B 303 16.92 11.28 29.05
N SER B 304 16.13 10.22 28.88
CA SER B 304 15.51 9.99 27.59
C SER B 304 14.44 11.05 27.31
N LEU B 305 13.66 11.45 28.32
CA LEU B 305 12.70 12.54 28.11
C LEU B 305 13.45 13.83 27.77
N ALA B 306 14.54 14.12 28.46
CA ALA B 306 15.30 15.31 28.15
C ALA B 306 15.80 15.30 26.70
N ALA B 307 16.27 14.15 26.24
CA ALA B 307 16.71 14.03 24.86
C ALA B 307 15.55 14.20 23.90
N ASN B 308 14.40 13.63 24.25
CA ASN B 308 13.22 13.75 23.42
C ASN B 308 12.80 15.21 23.27
N ILE B 309 12.90 15.96 24.36
CA ILE B 309 12.57 17.36 24.32
C ILE B 309 13.56 18.11 23.43
N ALA B 310 14.85 17.81 23.57
CA ALA B 310 15.86 18.47 22.76
C ALA B 310 15.67 18.20 21.26
N LEU B 311 15.36 16.95 20.92
CA LEU B 311 15.27 16.63 19.51
C LEU B 311 14.01 17.24 18.87
N VAL B 312 12.89 17.33 19.59
CA VAL B 312 11.73 17.94 18.94
C VAL B 312 11.96 19.43 18.77
N LYS B 313 12.66 20.06 19.72
CA LYS B 313 13.02 21.46 19.55
C LYS B 313 13.95 21.69 18.36
N ASN B 314 14.91 20.79 18.17
CA ASN B 314 15.82 20.88 17.04
C ASN B 314 15.08 20.67 15.72
N ASN B 315 14.15 19.72 15.71
CA ASN B 315 13.37 19.46 14.52
C ASN B 315 12.49 20.66 14.19
N ALA B 316 11.96 21.33 15.22
CA ALA B 316 11.15 22.52 15.00
C ALA B 316 11.98 23.64 14.38
N LEU B 317 13.22 23.78 14.83
CA LEU B 317 14.14 24.78 14.28
C LEU B 317 14.38 24.55 12.80
N ILE B 318 14.89 23.36 12.47
CA ILE B 318 15.24 23.06 11.10
C ILE B 318 13.97 22.99 10.21
N GLY B 319 12.91 22.40 10.75
CA GLY B 319 11.65 22.31 10.02
C GLY B 319 11.08 23.67 9.64
N SER B 320 11.16 24.61 10.57
CA SER B 320 10.69 25.96 10.28
C SER B 320 11.54 26.64 9.22
N GLN B 321 12.86 26.41 9.28
CA GLN B 321 13.74 26.98 8.27
C GLN B 321 13.44 26.41 6.88
N ILE B 322 13.13 25.11 6.84
CA ILE B 322 12.75 24.45 5.58
C ILE B 322 11.46 25.07 5.06
N ALA B 323 10.47 25.23 5.94
CA ALA B 323 9.18 25.79 5.55
C ALA B 323 9.32 27.22 5.02
N VAL B 324 10.16 28.02 5.66
CA VAL B 324 10.40 29.38 5.21
C VAL B 324 11.10 29.40 3.85
N ALA B 325 12.12 28.58 3.69
CA ALA B 325 12.82 28.47 2.42
C ALA B 325 11.88 28.03 1.31
N LEU B 326 11.00 27.08 1.62
CA LEU B 326 10.03 26.60 0.64
C LEU B 326 9.07 27.73 0.24
N SER B 327 8.61 28.48 1.23
CA SER B 327 7.70 29.59 0.98
C SER B 327 8.35 30.62 0.07
N GLN B 328 9.65 30.84 0.26
CA GLN B 328 10.40 31.78 -0.57
C GLN B 328 10.54 31.26 -2.00
N LEU B 329 10.74 29.96 -2.15
CA LEU B 329 10.81 29.34 -3.49
C LEU B 329 9.54 29.55 -4.27
N MET B 330 8.40 29.31 -3.63
CA MET B 330 7.10 29.38 -4.28
C MET B 330 6.66 30.81 -4.56
N LEU C 29 7.66 21.31 -16.54
CA LEU C 29 8.89 20.77 -16.00
C LEU C 29 9.41 19.57 -16.78
N VAL C 30 8.52 18.81 -17.43
CA VAL C 30 8.99 17.62 -18.10
C VAL C 30 9.13 17.96 -19.56
N LYS C 31 10.19 17.44 -20.18
CA LYS C 31 10.41 17.66 -21.61
C LYS C 31 10.00 16.44 -22.40
N ILE C 32 9.00 16.62 -23.27
CA ILE C 32 8.56 15.54 -24.13
C ILE C 32 9.17 15.76 -25.52
N SER C 33 9.80 14.72 -26.08
CA SER C 33 10.47 14.87 -27.37
C SER C 33 9.46 15.18 -28.46
N PRO C 34 9.92 15.82 -29.56
CA PRO C 34 8.99 16.10 -30.65
C PRO C 34 8.26 14.86 -31.17
N GLN C 35 8.96 13.75 -31.37
CA GLN C 35 8.33 12.53 -31.89
C GLN C 35 7.28 11.99 -30.95
N VAL C 36 7.57 11.98 -29.65
CA VAL C 36 6.63 11.44 -28.69
C VAL C 36 5.43 12.37 -28.52
N SER C 37 5.68 13.67 -28.53
CA SER C 37 4.60 14.63 -28.41
C SER C 37 3.63 14.51 -29.58
N GLU C 38 4.17 14.39 -30.78
CA GLU C 38 3.34 14.23 -31.98
C GLU C 38 2.47 12.97 -31.87
N ALA C 39 3.08 11.88 -31.47
CA ALA C 39 2.39 10.60 -31.33
C ALA C 39 1.26 10.67 -30.31
N LEU C 40 1.56 11.22 -29.13
CA LEU C 40 0.56 11.30 -28.07
C LEU C 40 -0.63 12.16 -28.50
N SER C 41 -0.35 13.27 -29.17
CA SER C 41 -1.40 14.19 -29.60
C SER C 41 -2.31 13.57 -30.65
N ASN C 42 -1.80 12.60 -31.40
CA ASN C 42 -2.57 11.98 -32.47
C ASN C 42 -3.10 10.60 -32.13
N GLY C 43 -2.89 10.18 -30.89
CA GLY C 43 -3.39 8.89 -30.43
C GLY C 43 -2.67 7.69 -31.03
N ARG C 44 -1.46 7.90 -31.52
CA ARG C 44 -0.66 6.81 -32.08
C ARG C 44 0.03 6.02 -30.99
N ALA C 45 0.35 4.76 -31.28
CA ALA C 45 0.96 3.87 -30.30
C ALA C 45 2.32 4.38 -29.83
N VAL C 46 2.49 4.43 -28.51
CA VAL C 46 3.75 4.82 -27.89
C VAL C 46 4.16 3.72 -26.91
N VAL C 47 5.43 3.39 -26.87
CA VAL C 47 5.97 2.42 -25.93
C VAL C 47 7.00 3.11 -25.04
N ALA C 48 6.74 3.20 -23.74
CA ALA C 48 7.72 3.74 -22.80
C ALA C 48 8.83 2.73 -22.60
N LEU C 49 10.03 3.26 -22.40
CA LEU C 49 11.23 2.47 -22.13
C LEU C 49 11.97 3.09 -20.94
N GLU C 50 12.61 2.26 -20.13
CA GLU C 50 13.34 2.75 -18.96
C GLU C 50 14.81 2.97 -19.30
N SER C 51 15.55 3.62 -18.39
CA SER C 51 16.95 3.92 -18.68
C SER C 51 17.93 3.23 -17.74
N THR C 52 17.47 2.57 -16.69
CA THR C 52 18.43 1.87 -15.84
C THR C 52 19.08 0.70 -16.60
N ILE C 53 18.37 0.13 -17.59
CA ILE C 53 18.94 -0.90 -18.44
C ILE C 53 20.14 -0.36 -19.24
N ILE C 54 20.11 0.93 -19.55
CA ILE C 54 21.19 1.60 -20.25
C ILE C 54 22.37 1.84 -19.31
N SER C 55 22.12 2.45 -18.16
CA SER C 55 23.19 2.82 -17.25
C SER C 55 23.80 1.65 -16.48
N HIS C 56 23.00 0.65 -16.17
CA HIS C 56 23.45 -0.41 -15.26
C HIS C 56 23.42 -1.82 -15.82
N GLY C 57 22.79 -2.02 -16.97
CA GLY C 57 22.69 -3.36 -17.50
C GLY C 57 23.93 -3.81 -18.26
N MET C 58 24.70 -2.86 -18.80
CA MET C 58 25.87 -3.18 -19.63
C MET C 58 26.74 -1.94 -19.87
N PRO C 59 28.04 -2.14 -20.20
CA PRO C 59 28.93 -1.00 -20.40
C PRO C 59 28.75 -0.27 -21.74
N TYR C 60 29.30 0.93 -21.81
CA TYR C 60 29.37 1.75 -23.02
C TYR C 60 30.45 1.24 -23.98
N PRO C 61 30.15 1.16 -25.29
CA PRO C 61 28.93 1.62 -25.98
C PRO C 61 27.89 0.55 -26.26
N GLN C 62 28.07 -0.66 -25.73
CA GLN C 62 27.07 -1.71 -25.90
C GLN C 62 25.71 -1.31 -25.35
N ASN C 63 25.69 -0.52 -24.28
CA ASN C 63 24.42 -0.08 -23.72
C ASN C 63 23.65 0.80 -24.71
N LEU C 64 24.38 1.69 -25.37
CA LEU C 64 23.80 2.55 -26.39
C LEU C 64 23.31 1.75 -27.59
N GLN C 65 24.12 0.81 -28.06
CA GLN C 65 23.72 -0.04 -29.18
C GLN C 65 22.41 -0.77 -28.89
N THR C 66 22.30 -1.34 -27.69
CA THR C 66 21.10 -2.06 -27.33
C THR C 66 19.88 -1.14 -27.23
N ALA C 67 20.06 0.03 -26.63
CA ALA C 67 18.97 0.97 -26.50
C ALA C 67 18.46 1.40 -27.88
N LYS C 68 19.38 1.65 -28.80
CA LYS C 68 18.98 2.05 -30.15
C LYS C 68 18.33 0.88 -30.91
N GLU C 69 18.84 -0.33 -30.71
CA GLU C 69 18.23 -1.49 -31.37
C GLU C 69 16.81 -1.71 -30.84
N VAL C 70 16.62 -1.52 -29.53
CA VAL C 70 15.28 -1.63 -28.93
C VAL C 70 14.36 -0.54 -29.49
N GLU C 71 14.85 0.69 -29.58
CA GLU C 71 14.03 1.75 -30.15
C GLU C 71 13.68 1.48 -31.60
N SER C 72 14.63 0.93 -32.36
CA SER C 72 14.35 0.59 -33.75
C SER C 72 13.28 -0.49 -33.87
N ILE C 73 13.33 -1.50 -33.00
CA ILE C 73 12.29 -2.53 -33.00
C ILE C 73 10.93 -1.91 -32.74
N VAL C 74 10.87 -0.97 -31.79
CA VAL C 74 9.61 -0.29 -31.55
C VAL C 74 9.13 0.45 -32.81
N ARG C 75 10.02 1.22 -33.44
CA ARG C 75 9.60 1.96 -34.63
C ARG C 75 9.22 1.07 -35.82
N GLU C 76 9.96 -0.02 -36.00
CA GLU C 76 9.70 -0.92 -37.13
C GLU C 76 8.42 -1.74 -36.94
N ASN C 77 7.87 -1.72 -35.72
CA ASN C 77 6.61 -2.41 -35.46
C ASN C 77 5.45 -1.46 -35.22
N GLY C 78 5.58 -0.23 -35.70
CA GLY C 78 4.46 0.68 -35.80
C GLY C 78 4.22 1.59 -34.61
N ALA C 79 5.14 1.59 -33.66
CA ALA C 79 4.99 2.39 -32.46
C ALA C 79 6.12 3.42 -32.35
N ILE C 80 5.97 4.36 -31.43
CA ILE C 80 6.97 5.39 -31.19
C ILE C 80 7.62 5.14 -29.82
N PRO C 81 8.95 5.00 -29.78
CA PRO C 81 9.60 4.74 -28.50
C PRO C 81 9.77 5.98 -27.64
N ALA C 82 9.46 5.85 -26.36
CA ALA C 82 9.63 6.94 -25.41
C ALA C 82 10.56 6.48 -24.29
N THR C 83 11.86 6.54 -24.54
CA THR C 83 12.82 6.25 -23.48
C THR C 83 12.78 7.40 -22.49
N ILE C 84 12.75 7.06 -21.21
CA ILE C 84 12.61 8.04 -20.15
C ILE C 84 13.88 8.06 -19.31
N ALA C 85 14.33 9.26 -18.96
CA ALA C 85 15.50 9.46 -18.10
C ALA C 85 15.43 10.86 -17.53
N ILE C 86 16.32 11.17 -16.60
CA ILE C 86 16.48 12.54 -16.12
C ILE C 86 17.88 13.02 -16.47
N LEU C 87 17.95 14.16 -17.15
CA LEU C 87 19.24 14.71 -17.59
C LEU C 87 19.35 16.14 -17.14
N ASN C 88 20.41 16.42 -16.36
CA ASN C 88 20.63 17.75 -15.80
C ASN C 88 19.39 18.28 -15.10
N GLY C 89 18.70 17.39 -14.39
CA GLY C 89 17.52 17.76 -13.63
C GLY C 89 16.23 17.82 -14.42
N VAL C 90 16.29 17.57 -15.72
CA VAL C 90 15.11 17.62 -16.56
C VAL C 90 14.58 16.22 -16.85
N PRO C 91 13.36 15.89 -16.38
CA PRO C 91 12.77 14.62 -16.79
C PRO C 91 12.49 14.66 -18.28
N CYS C 92 13.00 13.67 -19.01
CA CYS C 92 12.83 13.60 -20.45
C CYS C 92 12.00 12.39 -20.81
N ILE C 93 10.94 12.62 -21.56
CA ILE C 93 10.11 11.54 -22.07
C ILE C 93 10.27 11.52 -23.58
N GLY C 94 11.05 10.54 -24.05
CA GLY C 94 11.55 10.53 -25.41
C GLY C 94 12.95 11.13 -25.43
N LEU C 95 13.91 10.36 -25.91
CA LEU C 95 15.28 10.86 -25.96
C LEU C 95 15.73 11.00 -27.40
N SER C 96 16.53 12.02 -27.64
CA SER C 96 17.22 12.21 -28.91
C SER C 96 18.47 11.37 -28.97
N GLU C 97 19.07 11.28 -30.15
CA GLU C 97 20.34 10.58 -30.31
C GLU C 97 21.39 11.16 -29.36
N GLU C 98 21.45 12.48 -29.24
CA GLU C 98 22.44 13.09 -28.36
C GLU C 98 22.21 12.70 -26.91
N GLU C 99 20.95 12.67 -26.49
CA GLU C 99 20.62 12.35 -25.10
C GLU C 99 20.88 10.89 -24.79
N LEU C 100 20.55 10.00 -25.72
CA LEU C 100 20.87 8.58 -25.53
C LEU C 100 22.37 8.33 -25.37
N GLU C 101 23.17 8.93 -26.26
CA GLU C 101 24.61 8.72 -26.19
C GLU C 101 25.18 9.36 -24.93
N ARG C 102 24.70 10.54 -24.58
CA ARG C 102 25.19 11.22 -23.40
C ARG C 102 24.91 10.39 -22.14
N LEU C 103 23.67 9.90 -22.03
CA LEU C 103 23.32 9.04 -20.92
C LEU C 103 24.16 7.75 -20.88
N ALA C 104 24.29 7.10 -22.03
CA ALA C 104 24.99 5.83 -22.11
C ALA C 104 26.48 6.00 -21.78
N SER C 105 27.06 7.12 -22.18
CA SER C 105 28.50 7.36 -22.02
C SER C 105 28.88 7.50 -20.56
N LEU C 106 27.97 8.01 -19.75
CA LEU C 106 28.20 8.17 -18.32
C LEU C 106 28.20 6.82 -17.60
N GLY C 107 27.66 5.80 -18.25
CA GLY C 107 27.70 4.43 -17.75
C GLY C 107 27.11 4.26 -16.37
N LYS C 108 27.75 3.44 -15.53
CA LYS C 108 27.17 3.11 -14.22
C LYS C 108 27.30 4.25 -13.21
N SER C 109 27.92 5.36 -13.63
CA SER C 109 28.05 6.54 -12.76
C SER C 109 26.76 7.35 -12.66
N VAL C 110 25.80 7.07 -13.53
CA VAL C 110 24.50 7.73 -13.44
C VAL C 110 23.70 7.20 -12.25
N GLN C 111 23.07 8.11 -11.51
CA GLN C 111 22.22 7.74 -10.37
C GLN C 111 21.09 6.82 -10.80
N LYS C 112 21.07 5.62 -10.22
CA LYS C 112 19.92 4.74 -10.38
C LYS C 112 18.75 5.39 -9.65
N THR C 113 17.72 5.75 -10.41
CA THR C 113 16.66 6.61 -9.91
C THR C 113 15.33 5.86 -9.82
N ALA C 114 14.96 5.48 -8.60
CA ALA C 114 13.63 4.93 -8.36
C ALA C 114 12.64 6.09 -8.28
N GLY C 115 11.36 5.78 -8.22
CA GLY C 115 10.35 6.82 -8.12
C GLY C 115 10.63 7.77 -6.97
N ARG C 116 11.09 7.22 -5.86
CA ARG C 116 11.33 8.06 -4.67
C ARG C 116 12.51 8.99 -4.82
N ASP C 117 13.36 8.77 -5.84
CA ASP C 117 14.55 9.59 -6.06
C ASP C 117 14.31 10.71 -7.05
N ILE C 118 13.19 10.69 -7.76
CA ILE C 118 12.96 11.67 -8.82
C ILE C 118 13.08 13.11 -8.33
N ALA C 119 12.39 13.44 -7.26
CA ALA C 119 12.41 14.81 -6.76
C ALA C 119 13.82 15.28 -6.42
N ASN C 120 14.60 14.41 -5.79
CA ASN C 120 15.97 14.75 -5.42
C ASN C 120 16.86 14.93 -6.66
N VAL C 121 16.73 14.07 -7.65
CA VAL C 121 17.56 14.20 -8.85
C VAL C 121 17.19 15.46 -9.59
N VAL C 122 15.91 15.79 -9.65
CA VAL C 122 15.47 17.04 -10.23
C VAL C 122 16.03 18.22 -9.45
N ALA C 123 15.88 18.20 -8.12
CA ALA C 123 16.29 19.31 -7.28
C ALA C 123 17.79 19.58 -7.34
N THR C 124 18.58 18.52 -7.47
CA THR C 124 20.04 18.65 -7.52
C THR C 124 20.55 18.86 -8.95
N ARG C 125 19.63 18.96 -9.91
CA ARG C 125 19.95 19.10 -11.33
C ARG C 125 20.86 17.97 -11.82
N GLY C 126 20.59 16.76 -11.36
CA GLY C 126 21.43 15.62 -11.68
C GLY C 126 20.93 14.81 -12.87
N ASN C 127 21.72 13.81 -13.22
CA ASN C 127 21.33 12.80 -14.20
C ASN C 127 20.79 11.59 -13.47
N GLY C 128 19.72 11.01 -14.00
CA GLY C 128 19.13 9.84 -13.39
C GLY C 128 18.66 8.83 -14.43
N ALA C 129 18.98 7.57 -14.19
CA ALA C 129 18.50 6.47 -15.01
C ALA C 129 17.33 5.87 -14.26
N THR C 130 16.14 5.97 -14.85
CA THR C 130 14.91 5.66 -14.16
C THR C 130 14.64 4.15 -14.18
N THR C 131 14.28 3.62 -13.01
CA THR C 131 13.91 2.23 -12.84
C THR C 131 12.44 2.04 -13.25
N VAL C 132 11.90 0.84 -13.06
CA VAL C 132 10.49 0.61 -13.37
C VAL C 132 9.59 1.54 -12.54
N SER C 133 9.85 1.69 -11.24
CA SER C 133 8.94 2.53 -10.43
C SER C 133 8.96 3.99 -10.90
N ALA C 134 10.12 4.51 -11.27
CA ALA C 134 10.19 5.88 -11.73
C ALA C 134 9.63 6.05 -13.13
N THR C 135 9.92 5.09 -14.01
CA THR C 135 9.46 5.17 -15.39
C THR C 135 7.94 5.04 -15.46
N LEU C 136 7.36 4.19 -14.61
CA LEU C 136 5.89 4.11 -14.46
C LEU C 136 5.26 5.46 -14.20
N PHE C 137 5.87 6.19 -13.28
CA PHE C 137 5.34 7.48 -12.87
C PHE C 137 5.27 8.42 -14.08
N PHE C 138 6.36 8.51 -14.82
CA PHE C 138 6.39 9.45 -15.95
C PHE C 138 5.54 8.97 -17.11
N ALA C 139 5.54 7.67 -17.38
CA ALA C 139 4.72 7.13 -18.46
C ALA C 139 3.23 7.43 -18.20
N SER C 140 2.78 7.17 -16.97
CA SER C 140 1.37 7.42 -16.59
C SER C 140 1.02 8.89 -16.65
N MET C 141 1.96 9.73 -16.23
CA MET C 141 1.75 11.17 -16.24
C MET C 141 1.30 11.69 -17.59
N VAL C 142 1.87 11.15 -18.67
CA VAL C 142 1.59 11.67 -20.00
C VAL C 142 0.69 10.76 -20.82
N GLY C 143 0.19 9.70 -20.20
CA GLY C 143 -0.81 8.86 -20.84
C GLY C 143 -0.27 7.76 -21.72
N ILE C 144 0.96 7.33 -21.48
CA ILE C 144 1.50 6.16 -22.18
C ILE C 144 1.02 4.90 -21.45
N GLN C 145 0.45 3.96 -22.18
CA GLN C 145 -0.21 2.80 -21.57
C GLN C 145 0.64 1.54 -21.56
N VAL C 146 1.66 1.48 -22.41
CA VAL C 146 2.50 0.30 -22.53
C VAL C 146 3.93 0.66 -22.23
N PHE C 147 4.56 -0.06 -21.32
CA PHE C 147 5.92 0.20 -20.87
C PHE C 147 6.71 -1.11 -20.95
N VAL C 148 7.65 -1.16 -21.88
CA VAL C 148 8.53 -2.31 -22.07
C VAL C 148 9.77 -2.20 -21.20
N THR C 149 10.08 -3.29 -20.48
CA THR C 149 11.26 -3.37 -19.61
C THR C 149 11.91 -4.75 -19.85
N GLY C 150 13.01 -5.04 -19.18
CA GLY C 150 13.54 -6.39 -19.25
C GLY C 150 12.85 -7.28 -18.22
N GLY C 151 13.17 -7.03 -16.96
CA GLY C 151 12.56 -7.75 -15.86
C GLY C 151 12.20 -6.71 -14.83
N ILE C 152 11.23 -7.04 -13.99
CA ILE C 152 10.83 -6.12 -12.96
C ILE C 152 11.59 -6.46 -11.66
N GLY C 153 11.83 -5.47 -10.80
CA GLY C 153 12.37 -5.75 -9.48
C GLY C 153 11.39 -6.64 -8.72
N GLY C 154 11.79 -7.16 -7.58
CA GLY C 154 10.93 -8.08 -6.87
C GLY C 154 11.13 -8.15 -5.37
N VAL C 155 10.57 -9.19 -4.79
CA VAL C 155 10.86 -9.55 -3.42
C VAL C 155 12.21 -10.25 -3.42
N HIS C 156 13.14 -9.77 -2.60
CA HIS C 156 14.46 -10.37 -2.57
C HIS C 156 14.46 -11.67 -1.77
N ARG C 157 15.43 -12.53 -2.05
CA ARG C 157 15.60 -13.72 -1.23
C ARG C 157 15.89 -13.33 0.21
N HIS C 158 15.42 -14.14 1.15
CA HIS C 158 15.54 -13.88 2.59
C HIS C 158 14.84 -12.60 3.01
N ALA C 159 13.82 -12.20 2.26
CA ALA C 159 13.07 -10.99 2.61
C ALA C 159 12.36 -11.13 3.97
N ASN C 160 12.12 -12.34 4.42
CA ASN C 160 11.50 -12.50 5.71
C ASN C 160 12.52 -12.17 6.84
N HIS C 161 13.81 -12.10 6.52
CA HIS C 161 14.78 -11.51 7.45
C HIS C 161 15.00 -10.01 7.19
N SER C 162 14.82 -9.56 5.94
CA SER C 162 15.21 -8.20 5.55
C SER C 162 14.07 -7.22 5.20
N MET C 163 12.95 -7.75 4.73
CA MET C 163 11.86 -6.96 4.13
C MET C 163 12.30 -6.15 2.92
N ASP C 164 13.33 -6.63 2.21
CA ASP C 164 13.77 -5.98 0.99
C ASP C 164 12.83 -6.33 -0.17
N ILE C 165 11.95 -5.38 -0.50
CA ILE C 165 10.93 -5.58 -1.52
C ILE C 165 10.90 -4.38 -2.46
N SER C 166 11.07 -4.63 -3.76
CA SER C 166 11.18 -3.55 -4.72
C SER C 166 9.97 -2.62 -4.76
N SER C 167 10.22 -1.32 -4.80
CA SER C 167 9.15 -0.35 -5.00
C SER C 167 8.48 -0.50 -6.36
N ASP C 168 9.14 -1.20 -7.29
CA ASP C 168 8.53 -1.50 -8.58
C ASP C 168 7.16 -2.13 -8.40
N LEU C 169 7.05 -3.02 -7.43
CA LEU C 169 5.83 -3.79 -7.22
C LEU C 169 4.72 -2.91 -6.63
N THR C 170 5.07 -2.11 -5.63
CA THR C 170 4.13 -1.17 -5.04
C THR C 170 3.65 -0.17 -6.08
N ALA C 171 4.58 0.35 -6.87
CA ALA C 171 4.24 1.34 -7.87
C ALA C 171 3.26 0.75 -8.88
N LEU C 172 3.50 -0.48 -9.33
CA LEU C 172 2.64 -1.07 -10.34
C LEU C 172 1.22 -1.30 -9.77
N GLY C 173 1.13 -1.57 -8.47
CA GLY C 173 -0.16 -1.74 -7.81
C GLY C 173 -0.99 -0.48 -7.72
N ARG C 174 -0.40 0.68 -7.98
CA ARG C 174 -1.18 1.93 -7.93
C ARG C 174 -0.89 2.84 -9.12
N THR C 175 -0.40 2.25 -10.22
CA THR C 175 -0.21 2.98 -11.46
C THR C 175 -0.81 2.17 -12.59
N PRO C 176 -1.88 2.67 -13.23
CA PRO C 176 -2.58 1.85 -14.23
C PRO C 176 -1.88 1.88 -15.58
N ILE C 177 -0.86 1.03 -15.70
CA ILE C 177 -0.05 0.91 -16.89
C ILE C 177 0.26 -0.56 -17.07
N ALA C 178 0.48 -0.98 -18.32
CA ALA C 178 0.90 -2.34 -18.60
C ALA C 178 2.41 -2.40 -18.77
N VAL C 179 3.05 -3.17 -17.91
CA VAL C 179 4.48 -3.41 -17.99
C VAL C 179 4.71 -4.70 -18.74
N ILE C 180 5.57 -4.64 -19.75
CA ILE C 180 5.90 -5.79 -20.60
C ILE C 180 7.28 -6.27 -20.18
N SER C 181 7.32 -7.38 -19.46
CA SER C 181 8.55 -7.93 -18.91
C SER C 181 8.78 -9.33 -19.47
N ALA C 182 9.94 -9.89 -19.15
CA ALA C 182 10.20 -11.30 -19.40
C ALA C 182 10.15 -12.09 -18.09
N GLY C 183 9.31 -11.62 -17.17
CA GLY C 183 9.22 -12.25 -15.86
C GLY C 183 10.18 -11.68 -14.85
N VAL C 184 10.63 -12.54 -13.94
CA VAL C 184 11.44 -12.16 -12.79
C VAL C 184 12.64 -13.09 -12.68
N ALA C 185 13.83 -12.52 -12.48
CA ALA C 185 15.04 -13.35 -12.39
C ALA C 185 15.10 -14.14 -11.07
N SER C 186 15.68 -15.33 -11.14
CA SER C 186 15.79 -16.20 -9.96
C SER C 186 16.79 -15.69 -8.93
N ILE C 187 17.47 -14.59 -9.25
CA ILE C 187 18.24 -13.86 -8.25
C ILE C 187 17.30 -13.41 -7.14
N LEU C 188 16.06 -13.09 -7.53
CA LEU C 188 15.01 -12.68 -6.62
C LEU C 188 14.18 -13.89 -6.19
N ASP C 189 13.25 -13.66 -5.26
CA ASP C 189 12.35 -14.71 -4.83
C ASP C 189 11.10 -14.66 -5.68
N ILE C 190 11.04 -15.54 -6.68
CA ILE C 190 9.94 -15.46 -7.64
C ILE C 190 8.59 -15.81 -7.01
N PRO C 191 8.49 -16.89 -6.22
CA PRO C 191 7.19 -17.14 -5.58
C PRO C 191 6.70 -15.98 -4.72
N LYS C 192 7.58 -15.38 -3.92
CA LYS C 192 7.13 -14.29 -3.06
C LYS C 192 6.82 -13.04 -3.88
N THR C 193 7.53 -12.84 -4.98
CA THR C 193 7.26 -11.70 -5.84
C THR C 193 5.86 -11.81 -6.43
N LEU C 194 5.49 -13.01 -6.87
CA LEU C 194 4.14 -13.27 -7.36
C LEU C 194 3.10 -13.01 -6.26
N GLU C 195 3.37 -13.44 -5.02
CA GLU C 195 2.44 -13.18 -3.94
C GLU C 195 2.28 -11.68 -3.68
N TYR C 196 3.39 -10.96 -3.65
CA TYR C 196 3.34 -9.52 -3.34
C TYR C 196 2.59 -8.78 -4.45
N LEU C 197 2.82 -9.13 -5.71
CA LEU C 197 2.05 -8.56 -6.80
C LEU C 197 0.56 -8.80 -6.61
N GLU C 198 0.19 -10.01 -6.22
CA GLU C 198 -1.21 -10.31 -5.98
C GLU C 198 -1.77 -9.44 -4.85
N THR C 199 -1.03 -9.29 -3.77
CA THR C 199 -1.47 -8.46 -2.65
C THR C 199 -1.67 -7.01 -3.09
N GLN C 200 -0.85 -6.55 -4.04
CA GLN C 200 -0.95 -5.19 -4.53
C GLN C 200 -1.98 -4.99 -5.63
N GLU C 201 -2.75 -6.04 -5.94
CA GLU C 201 -3.82 -6.01 -6.96
C GLU C 201 -3.36 -5.91 -8.41
N VAL C 202 -2.14 -6.39 -8.67
CA VAL C 202 -1.59 -6.38 -10.03
C VAL C 202 -1.95 -7.64 -10.80
N TYR C 203 -2.65 -7.48 -11.92
CA TYR C 203 -2.92 -8.59 -12.82
C TYR C 203 -1.62 -9.05 -13.47
N VAL C 204 -1.32 -10.33 -13.31
CA VAL C 204 -0.12 -10.94 -13.86
C VAL C 204 -0.52 -12.04 -14.86
N ALA C 205 0.01 -11.97 -16.08
CA ALA C 205 -0.29 -12.98 -17.08
C ALA C 205 0.95 -13.34 -17.87
N ALA C 206 1.15 -14.64 -18.06
CA ALA C 206 2.20 -15.12 -18.93
C ALA C 206 1.70 -15.19 -20.36
N TYR C 207 2.61 -14.95 -21.30
CA TYR C 207 2.30 -14.91 -22.72
C TYR C 207 2.52 -16.27 -23.39
N LYS C 208 1.42 -16.87 -23.87
CA LYS C 208 1.46 -18.15 -24.57
C LYS C 208 2.13 -19.26 -23.78
N SER C 209 1.91 -19.25 -22.48
CA SER C 209 2.45 -20.29 -21.61
C SER C 209 1.66 -20.36 -20.30
N ASP C 210 1.67 -21.55 -19.68
CA ASP C 210 1.10 -21.71 -18.35
C ASP C 210 2.17 -21.50 -17.28
N GLU C 211 3.43 -21.36 -17.69
CA GLU C 211 4.52 -21.19 -16.72
C GLU C 211 5.03 -19.76 -16.68
N PHE C 212 5.14 -19.22 -15.47
CA PHE C 212 5.68 -17.89 -15.30
C PHE C 212 7.17 -17.91 -15.64
N PRO C 213 7.62 -17.01 -16.53
CA PRO C 213 9.03 -17.06 -16.96
C PRO C 213 10.00 -16.44 -15.96
N ALA C 214 11.25 -16.85 -16.05
CA ALA C 214 12.28 -16.44 -15.10
C ALA C 214 13.39 -15.64 -15.78
N PHE C 215 13.01 -14.68 -16.60
CA PHE C 215 13.92 -13.68 -17.15
C PHE C 215 14.93 -14.34 -18.10
N PHE C 216 16.11 -14.70 -17.61
CA PHE C 216 17.13 -15.36 -18.42
C PHE C 216 16.65 -16.68 -19.02
N THR C 217 15.79 -17.38 -18.29
CA THR C 217 15.27 -18.68 -18.72
C THR C 217 13.75 -18.71 -18.65
N GLU C 218 13.14 -19.61 -19.42
CA GLU C 218 11.69 -19.72 -19.47
C GLU C 218 11.06 -20.43 -18.27
N LYS C 219 11.84 -21.26 -17.57
CA LYS C 219 11.30 -22.03 -16.45
C LYS C 219 11.60 -21.39 -15.10
N SER C 220 10.54 -21.01 -14.39
CA SER C 220 10.69 -20.51 -13.03
C SER C 220 10.25 -21.56 -12.01
N GLY C 221 9.46 -22.52 -12.46
CA GLY C 221 8.89 -23.51 -11.57
C GLY C 221 7.60 -23.03 -10.92
N CYS C 222 7.16 -21.85 -11.32
CA CYS C 222 5.91 -21.28 -10.80
C CYS C 222 4.86 -21.24 -11.89
N LYS C 223 3.65 -21.68 -11.55
CA LYS C 223 2.51 -21.58 -12.44
C LYS C 223 2.14 -20.11 -12.64
N ALA C 224 1.84 -19.71 -13.86
CA ALA C 224 1.34 -18.36 -14.10
C ALA C 224 -0.08 -18.24 -13.57
N PRO C 225 -0.40 -17.13 -12.89
CA PRO C 225 -1.76 -17.03 -12.37
C PRO C 225 -2.80 -16.78 -13.46
N SER C 226 -2.36 -16.32 -14.62
CA SER C 226 -3.25 -16.11 -15.75
C SER C 226 -2.44 -16.16 -17.03
N ARG C 227 -3.12 -16.23 -18.17
CA ARG C 227 -2.45 -16.40 -19.45
C ARG C 227 -3.12 -15.57 -20.54
N VAL C 228 -2.30 -15.02 -21.43
CA VAL C 228 -2.77 -14.34 -22.62
C VAL C 228 -2.01 -14.89 -23.82
N ASN C 229 -2.64 -14.94 -24.99
CA ASN C 229 -2.09 -15.68 -26.12
C ASN C 229 -1.79 -14.88 -27.37
N SER C 230 -2.01 -13.57 -27.35
CA SER C 230 -1.76 -12.75 -28.52
C SER C 230 -1.64 -11.30 -28.11
N PRO C 231 -1.03 -10.46 -28.96
CA PRO C 231 -0.98 -9.03 -28.60
C PRO C 231 -2.37 -8.42 -28.48
N GLU C 232 -3.29 -8.92 -29.29
CA GLU C 232 -4.66 -8.45 -29.27
C GLU C 232 -5.35 -8.81 -27.94
N ASP C 233 -5.09 -10.02 -27.43
CA ASP C 233 -5.59 -10.43 -26.11
C ASP C 233 -5.15 -9.43 -25.05
N CYS C 234 -3.86 -9.11 -25.10
CA CYS C 234 -3.25 -8.19 -24.15
C CYS C 234 -3.91 -6.82 -24.24
N ALA C 235 -4.08 -6.32 -25.47
CA ALA C 235 -4.68 -5.02 -25.67
C ALA C 235 -6.11 -4.98 -25.15
N ARG C 236 -6.85 -6.07 -25.30
CA ARG C 236 -8.22 -6.09 -24.80
C ARG C 236 -8.28 -6.05 -23.27
N VAL C 237 -7.37 -6.73 -22.60
CA VAL C 237 -7.29 -6.61 -21.15
C VAL C 237 -6.95 -5.17 -20.74
N ILE C 238 -5.96 -4.57 -21.40
CA ILE C 238 -5.59 -3.19 -21.07
C ILE C 238 -6.77 -2.23 -21.30
N ASP C 239 -7.45 -2.42 -22.42
CA ASP C 239 -8.59 -1.58 -22.78
C ASP C 239 -9.68 -1.64 -21.69
N ALA C 240 -9.96 -2.84 -21.22
CA ALA C 240 -10.94 -3.00 -20.14
C ALA C 240 -10.47 -2.30 -18.86
N ASN C 241 -9.18 -2.45 -18.54
CA ASN C 241 -8.62 -1.84 -17.33
C ASN C 241 -8.75 -0.32 -17.40
N MET C 242 -8.48 0.24 -18.58
CA MET C 242 -8.59 1.67 -18.80
C MET C 242 -10.02 2.17 -18.66
N LYS C 243 -10.94 1.49 -19.35
CA LYS C 243 -12.33 1.91 -19.38
C LYS C 243 -12.94 1.87 -17.99
N LEU C 244 -12.55 0.88 -17.21
CA LEU C 244 -13.06 0.73 -15.85
C LEU C 244 -12.45 1.72 -14.86
N ASN C 245 -11.37 2.37 -15.29
CA ASN C 245 -10.61 3.30 -14.46
C ASN C 245 -10.02 2.65 -13.20
N ARG C 246 -9.60 1.40 -13.32
CA ARG C 246 -8.83 0.78 -12.24
C ARG C 246 -7.51 1.49 -12.05
N GLN C 247 -7.04 1.54 -10.81
CA GLN C 247 -5.84 2.28 -10.48
C GLN C 247 -4.60 1.40 -10.39
N ALA C 248 -4.78 0.09 -10.49
CA ALA C 248 -3.68 -0.85 -10.50
C ALA C 248 -3.32 -1.25 -11.91
N GLY C 249 -2.05 -1.54 -12.11
CA GLY C 249 -1.54 -1.89 -13.42
C GLY C 249 -1.45 -3.38 -13.66
N ILE C 250 -0.70 -3.71 -14.71
CA ILE C 250 -0.66 -5.06 -15.25
C ILE C 250 0.78 -5.45 -15.51
N LEU C 251 1.15 -6.67 -15.15
CA LEU C 251 2.43 -7.24 -15.54
C LEU C 251 2.22 -8.36 -16.54
N PHE C 252 2.63 -8.12 -17.79
CA PHE C 252 2.70 -9.19 -18.77
C PHE C 252 4.10 -9.76 -18.71
N ALA C 253 4.18 -11.08 -18.76
CA ALA C 253 5.47 -11.76 -18.69
C ALA C 253 5.64 -12.59 -19.93
N ILE C 254 6.56 -12.14 -20.78
CA ILE C 254 6.81 -12.75 -22.09
C ILE C 254 8.02 -13.67 -21.96
N PRO C 255 7.79 -15.00 -21.99
CA PRO C 255 8.95 -15.89 -21.90
C PRO C 255 9.99 -15.62 -22.96
N ILE C 256 11.26 -15.58 -22.59
CA ILE C 256 12.35 -15.41 -23.55
C ILE C 256 12.21 -16.49 -24.64
N PRO C 257 12.42 -16.12 -25.92
CA PRO C 257 12.32 -17.09 -27.01
C PRO C 257 13.21 -18.30 -26.79
N LYS C 258 12.73 -19.49 -27.16
CA LYS C 258 13.45 -20.73 -26.86
C LYS C 258 14.85 -20.76 -27.47
N HIS C 259 15.03 -20.15 -28.64
CA HIS C 259 16.35 -20.09 -29.26
C HIS C 259 17.31 -19.13 -28.55
N HIS C 260 16.78 -18.21 -27.74
CA HIS C 260 17.66 -17.30 -27.01
C HIS C 260 17.74 -17.58 -25.51
N SER C 261 17.01 -18.58 -25.03
CA SER C 261 16.95 -18.86 -23.60
C SER C 261 18.27 -19.39 -23.06
N SER C 269 22.80 -22.72 -11.39
CA SER C 269 24.08 -22.88 -10.71
C SER C 269 24.78 -21.54 -10.51
N ALA C 270 24.82 -20.74 -11.56
CA ALA C 270 25.48 -19.44 -11.49
C ALA C 270 24.80 -18.50 -10.49
N THR C 271 23.47 -18.53 -10.45
CA THR C 271 22.72 -17.69 -9.54
C THR C 271 23.00 -18.05 -8.07
N GLN C 272 22.91 -19.35 -7.76
CA GLN C 272 23.15 -19.83 -6.39
C GLN C 272 24.56 -19.52 -5.90
N ARG C 273 25.55 -19.73 -6.74
CA ARG C 273 26.93 -19.42 -6.36
C ARG C 273 27.13 -17.92 -6.21
N ALA C 274 26.52 -17.14 -7.09
CA ALA C 274 26.64 -15.68 -7.00
C ALA C 274 26.00 -15.19 -5.69
N LEU C 275 24.87 -15.78 -5.34
CA LEU C 275 24.17 -15.46 -4.10
C LEU C 275 25.01 -15.78 -2.86
N THR C 276 25.59 -16.98 -2.84
CA THR C 276 26.42 -17.42 -1.72
C THR C 276 27.65 -16.53 -1.54
N GLU C 277 28.30 -16.22 -2.65
CA GLU C 277 29.48 -15.36 -2.65
C GLU C 277 29.07 -14.00 -2.12
N ALA C 278 27.87 -13.57 -2.51
CA ALA C 278 27.35 -12.28 -2.09
C ALA C 278 27.20 -12.18 -0.56
N ARG C 279 26.75 -13.26 0.07
CA ARG C 279 26.60 -13.29 1.52
C ARG C 279 27.95 -13.37 2.23
N GLU C 280 28.80 -14.27 1.75
CA GLU C 280 30.09 -14.54 2.40
C GLU C 280 31.05 -13.36 2.24
N GLN C 281 30.78 -12.48 1.27
CA GLN C 281 31.61 -11.30 1.10
C GLN C 281 30.86 -10.06 1.60
N ASN C 282 29.73 -10.31 2.25
CA ASN C 282 28.82 -9.27 2.76
C ASN C 282 28.62 -8.07 1.85
N VAL C 283 28.19 -8.31 0.61
CA VAL C 283 27.83 -7.22 -0.28
C VAL C 283 26.36 -6.87 -0.05
N THR C 284 26.12 -5.61 0.33
CA THR C 284 24.78 -5.16 0.68
C THR C 284 24.47 -3.81 0.04
N GLY C 285 23.28 -3.29 0.31
CA GLY C 285 22.87 -1.98 -0.15
C GLY C 285 22.89 -1.83 -1.66
N ASN C 286 23.36 -0.68 -2.12
CA ASN C 286 23.39 -0.35 -3.54
C ASN C 286 24.34 -1.24 -4.34
N ALA C 287 25.28 -1.88 -3.64
CA ALA C 287 26.28 -2.72 -4.30
C ALA C 287 25.75 -4.10 -4.63
N GLU C 288 24.71 -4.52 -3.92
CA GLU C 288 24.24 -5.91 -3.95
C GLU C 288 23.75 -6.38 -5.32
N THR C 289 22.74 -5.70 -5.86
CA THR C 289 22.15 -6.09 -7.13
C THR C 289 23.11 -5.98 -8.34
N PRO C 290 23.88 -4.88 -8.45
CA PRO C 290 24.86 -4.87 -9.55
C PRO C 290 25.88 -6.01 -9.44
N PHE C 291 26.25 -6.36 -8.22
CA PHE C 291 27.21 -7.43 -7.99
C PHE C 291 26.67 -8.76 -8.50
N LEU C 292 25.43 -9.07 -8.16
CA LEU C 292 24.83 -10.34 -8.54
C LEU C 292 24.70 -10.48 -10.06
N LEU C 293 24.19 -9.45 -10.72
CA LEU C 293 24.06 -9.49 -12.18
C LEU C 293 25.42 -9.61 -12.87
N ALA C 294 26.40 -8.84 -12.38
CA ALA C 294 27.75 -8.88 -12.95
C ALA C 294 28.38 -10.25 -12.74
N ARG C 295 28.25 -10.78 -11.53
CA ARG C 295 28.78 -12.09 -11.20
C ARG C 295 28.14 -13.16 -12.07
N VAL C 296 26.83 -13.08 -12.25
CA VAL C 296 26.11 -14.03 -13.10
C VAL C 296 26.64 -13.95 -14.54
N ASN C 297 26.91 -12.74 -15.00
CA ASN C 297 27.45 -12.55 -16.35
C ASN C 297 28.86 -13.11 -16.48
N GLU C 298 29.67 -12.88 -15.45
CA GLU C 298 31.03 -13.41 -15.43
C GLU C 298 31.04 -14.93 -15.38
N LEU C 299 30.23 -15.51 -14.50
CA LEU C 299 30.16 -16.96 -14.35
C LEU C 299 29.58 -17.64 -15.59
N THR C 300 28.74 -16.92 -16.33
CA THR C 300 28.16 -17.50 -17.55
C THR C 300 28.92 -17.05 -18.79
N GLY C 301 30.00 -16.30 -18.60
CA GLY C 301 30.85 -15.88 -19.71
C GLY C 301 30.12 -15.02 -20.73
N GLY C 302 29.17 -14.21 -20.27
CA GLY C 302 28.43 -13.33 -21.15
C GLY C 302 27.08 -13.87 -21.62
N THR C 303 26.78 -15.11 -21.24
CA THR C 303 25.54 -15.77 -21.66
C THR C 303 24.30 -15.10 -21.06
N SER C 304 24.39 -14.67 -19.81
CA SER C 304 23.24 -14.08 -19.14
C SER C 304 22.93 -12.70 -19.72
N LEU C 305 23.97 -11.92 -20.00
CA LEU C 305 23.80 -10.61 -20.61
C LEU C 305 23.21 -10.74 -22.01
N ALA C 306 23.72 -11.70 -22.77
CA ALA C 306 23.22 -11.96 -24.11
C ALA C 306 21.74 -12.30 -24.06
N ALA C 307 21.35 -13.09 -23.07
CA ALA C 307 19.95 -13.43 -22.87
C ALA C 307 19.15 -12.21 -22.48
N ASN C 308 19.75 -11.36 -21.64
CA ASN C 308 19.11 -10.13 -21.22
C ASN C 308 18.86 -9.22 -22.41
N ILE C 309 19.82 -9.16 -23.33
CA ILE C 309 19.67 -8.35 -24.53
C ILE C 309 18.57 -8.94 -25.42
N ALA C 310 18.58 -10.25 -25.57
CA ALA C 310 17.59 -10.92 -26.39
C ALA C 310 16.17 -10.73 -25.86
N LEU C 311 16.01 -10.79 -24.53
CA LEU C 311 14.67 -10.71 -23.97
C LEU C 311 14.10 -9.29 -24.07
N VAL C 312 14.94 -8.25 -23.93
CA VAL C 312 14.38 -6.90 -24.00
C VAL C 312 13.96 -6.61 -25.43
N LYS C 313 14.72 -7.13 -26.39
CA LYS C 313 14.34 -7.01 -27.79
C LYS C 313 13.03 -7.73 -28.10
N ASN C 314 12.87 -8.92 -27.53
CA ASN C 314 11.61 -9.64 -27.69
C ASN C 314 10.45 -8.90 -27.01
N ASN C 315 10.69 -8.35 -25.83
CA ASN C 315 9.67 -7.58 -25.13
C ASN C 315 9.28 -6.35 -25.95
N ALA C 316 10.25 -5.74 -26.60
CA ALA C 316 9.98 -4.58 -27.42
C ALA C 316 9.09 -4.93 -28.61
N LEU C 317 9.34 -6.09 -29.22
CA LEU C 317 8.53 -6.55 -30.33
C LEU C 317 7.08 -6.77 -29.92
N ILE C 318 6.88 -7.60 -28.89
CA ILE C 318 5.54 -7.93 -28.46
C ILE C 318 4.86 -6.69 -27.87
N GLY C 319 5.60 -5.91 -27.08
CA GLY C 319 5.05 -4.70 -26.48
C GLY C 319 4.57 -3.71 -27.52
N SER C 320 5.34 -3.57 -28.61
CA SER C 320 4.92 -2.67 -29.67
C SER C 320 3.66 -3.15 -30.36
N GLN C 321 3.57 -4.47 -30.57
CA GLN C 321 2.36 -5.03 -31.17
C GLN C 321 1.15 -4.82 -30.25
N ILE C 322 1.36 -4.94 -28.95
CA ILE C 322 0.28 -4.69 -28.00
C ILE C 322 -0.15 -3.24 -28.09
N ALA C 323 0.81 -2.31 -28.12
CA ALA C 323 0.51 -0.89 -28.15
C ALA C 323 -0.25 -0.52 -29.42
N VAL C 324 0.15 -1.10 -30.55
CA VAL C 324 -0.55 -0.82 -31.80
C VAL C 324 -1.97 -1.39 -31.75
N ALA C 325 -2.13 -2.61 -31.28
CA ALA C 325 -3.47 -3.19 -31.13
C ALA C 325 -4.34 -2.33 -30.20
N LEU C 326 -3.76 -1.85 -29.11
CA LEU C 326 -4.50 -1.02 -28.17
C LEU C 326 -4.91 0.29 -28.83
N SER C 327 -3.99 0.92 -29.57
CA SER C 327 -4.29 2.16 -30.26
C SER C 327 -5.44 1.99 -31.25
N GLN C 328 -5.48 0.84 -31.92
CA GLN C 328 -6.54 0.54 -32.87
C GLN C 328 -7.89 0.38 -32.15
N LEU C 329 -7.87 -0.25 -30.98
CA LEU C 329 -9.07 -0.40 -30.17
C LEU C 329 -9.64 0.96 -29.78
N MET C 330 -8.77 1.85 -29.34
CA MET C 330 -9.17 3.17 -28.88
C MET C 330 -9.53 4.07 -30.06
#